data_5XT4
#
_entry.id   5XT4
#
_cell.length_a   101.104
_cell.length_b   184.934
_cell.length_c   98.918
_cell.angle_alpha   90.00
_cell.angle_beta   90.00
_cell.angle_gamma   90.00
#
_symmetry.space_group_name_H-M   'C 2 2 21'
#
loop_
_entity.id
_entity.type
_entity.pdbx_description
1 polymer Transketolase
2 non-polymer 'CALCIUM ION'
3 non-polymer DI(HYDROXYETHYL)ETHER
4 non-polymer 2-C-{3-[(4-amino-2-methylpyrimidin-5-yl)methyl]-5-(2-{[(R)-hydroxy(phosphonooxy)phosphoryl]oxy}ethyl)-4-methyl-1,3-thiazol-3-ium-2-yl}-6-O-phosphono-D-glucitol
5 water water
#
_entity_poly.entity_id   1
_entity_poly.type   'polypeptide(L)'
_entity_poly.pdbx_seq_one_letter_code
;MGSSHHHHHHSSGLVPRGSHMSSVDQKAISTIRLLAVDAVAAANSGHPGAPLGLAPAAHAVFKKMRFNPKDTKWINRDRF
VLSNGHACALLYSMLVLYGYDLTVEDLKKFRQLGSKTPGHPENTDVPGAEVTTGPLGQGICNGVGIALAQAQFAATYNKP
DFPISDSYTYVFLGDGCLMEGVSSEASSLAGHLQLGNLIAFWDDNKISIDGSTEVAFTEDVIARYKSYGWHIVEVSDADT
DITAIAAAIDEAKKVTNKPTLVRLTTTIGFGSLAQGTHGVHGAPLKADDIKQLKTKWGFNPEESFAVPAEVTASYNEHVA
ENQKIQQQWNELFAAYKQKYPELGAELQRRLDGKLPENWDKALPVYTPADAAVATRKLSEIVLSKIIPEVPEIIGGSADL
TPSNLTKAKGTVDFQPAATGLGDYSGRYIRYGVREHAMGAIMNGIAAFGANYKNYGGTFLNFVSYAAGAVRLSALSEFPI
TWVATHDSIGLGEDGPTHQPIETLAHFRATPNISVWRPADGNETSAAYKSAIESTHTPHILALTRQNLPQLEGSSIEKAS
KGGYTLVQQDKADIIIVATGSEVSLAVDALKVLEGQGIKAGVVSLPDQLTFDKQSEEYKLSVLPDGVPILSVEVMSTFGW
SKYSHQQFGLNRFGASGKAPEIFKLFEFTPEGVAERAAKTVAFYKGKDVVSPLRSAF
;
_entity_poly.pdbx_strand_id   A
#
loop_
_chem_comp.id
_chem_comp.type
_chem_comp.name
_chem_comp.formula
CA non-polymer 'CALCIUM ION' 'Ca 2'
PEG non-polymer DI(HYDROXYETHYL)ETHER 'C4 H10 O3'
T6F non-polymer 2-C-{3-[(4-amino-2-methylpyrimidin-5-yl)methyl]-5-(2-{[(R)-hydroxy(phosphonooxy)phosphoryl]oxy}ethyl)-4-methyl-1,3-thiazol-3-ium-2-yl}-6-O-phosphono-D-glucitol 'C18 H32 N4 O16 P3 S 1'
#
# COMPACT_ATOMS: atom_id res chain seq x y z
N SER A 23 33.12 6.41 -24.70
CA SER A 23 31.91 6.10 -25.44
C SER A 23 30.72 6.92 -24.89
N VAL A 24 29.62 6.93 -25.63
CA VAL A 24 28.44 7.63 -25.12
C VAL A 24 27.90 6.94 -23.87
N ASP A 25 27.96 5.61 -23.82
CA ASP A 25 27.52 4.89 -22.62
C ASP A 25 28.33 5.34 -21.42
N GLN A 26 29.66 5.40 -21.58
CA GLN A 26 30.51 5.84 -20.48
C GLN A 26 30.16 7.27 -20.08
N LYS A 27 29.94 8.15 -21.05
CA LYS A 27 29.55 9.51 -20.74
C LYS A 27 28.20 9.57 -20.02
N ALA A 28 27.25 8.72 -20.42
CA ALA A 28 25.95 8.70 -19.76
C ALA A 28 26.11 8.30 -18.29
N ILE A 29 26.88 7.24 -18.05
CA ILE A 29 27.09 6.77 -16.67
C ILE A 29 27.73 7.87 -15.83
N SER A 30 28.75 8.55 -16.36
CA SER A 30 29.34 9.67 -15.63
C SER A 30 28.34 10.78 -15.39
N THR A 31 27.51 11.08 -16.38
CA THR A 31 26.50 12.12 -16.23
C THR A 31 25.56 11.81 -15.08
N ILE A 32 25.08 10.56 -15.05
CA ILE A 32 24.19 10.10 -13.97
C ILE A 32 24.86 10.27 -12.62
N ARG A 33 26.08 9.75 -12.50
CA ARG A 33 26.81 9.83 -11.24
C ARG A 33 26.95 11.26 -10.77
N LEU A 34 27.31 12.16 -11.69
CA LEU A 34 27.61 13.53 -11.32
C LEU A 34 26.33 14.33 -11.07
N LEU A 35 25.23 14.05 -11.80
CA LEU A 35 23.96 14.67 -11.44
C LEU A 35 23.58 14.31 -10.02
N ALA A 36 23.74 13.04 -9.66
CA ALA A 36 23.33 12.61 -8.32
C ALA A 36 24.18 13.29 -7.25
N VAL A 37 25.49 13.30 -7.45
N VAL A 37 25.50 13.33 -7.44
CA VAL A 37 26.41 13.93 -6.52
CA VAL A 37 26.32 13.95 -6.40
C VAL A 37 26.11 15.43 -6.40
C VAL A 37 26.15 15.47 -6.38
N ASP A 38 25.87 16.09 -7.53
CA ASP A 38 25.60 17.52 -7.53
C ASP A 38 24.29 17.84 -6.82
N ALA A 39 23.29 16.96 -6.97
CA ALA A 39 22.02 17.16 -6.28
C ALA A 39 22.21 17.10 -4.77
N VAL A 40 22.92 16.08 -4.30
CA VAL A 40 23.24 15.95 -2.88
C VAL A 40 24.02 17.17 -2.41
N ALA A 41 24.97 17.63 -3.23
CA ALA A 41 25.78 18.78 -2.85
C ALA A 41 24.95 20.03 -2.70
N ALA A 42 24.01 20.26 -3.62
CA ALA A 42 23.17 21.45 -3.57
C ALA A 42 22.31 21.47 -2.32
N ALA A 43 21.80 20.31 -1.92
CA ALA A 43 20.97 20.22 -0.73
C ALA A 43 21.80 20.22 0.55
N ASN A 44 23.08 19.91 0.42
CA ASN A 44 23.94 19.60 1.55
C ASN A 44 23.27 18.56 2.45
N SER A 45 22.64 17.58 1.80
CA SER A 45 21.90 16.52 2.50
C SER A 45 21.66 15.41 1.49
N GLY A 46 21.73 14.18 1.95
CA GLY A 46 21.37 13.03 1.12
C GLY A 46 22.50 12.06 0.93
N HIS A 47 22.29 11.17 -0.04
CA HIS A 47 22.98 9.88 -0.07
C HIS A 47 23.65 9.71 -1.42
N PRO A 48 24.97 9.94 -1.51
CA PRO A 48 25.66 9.83 -2.81
C PRO A 48 26.22 8.44 -3.10
N GLY A 49 26.37 7.59 -2.09
CA GLY A 49 27.13 6.37 -2.26
C GLY A 49 26.50 5.35 -3.19
N ALA A 50 25.27 4.94 -2.88
CA ALA A 50 24.61 3.96 -3.73
C ALA A 50 24.33 4.52 -5.13
N PRO A 51 23.97 5.80 -5.29
CA PRO A 51 23.87 6.32 -6.67
C PRO A 51 25.15 6.14 -7.47
N LEU A 52 26.31 6.45 -6.87
CA LEU A 52 27.57 6.27 -7.56
C LEU A 52 27.78 4.81 -7.94
N GLY A 53 27.48 3.89 -7.01
CA GLY A 53 27.70 2.48 -7.26
C GLY A 53 26.75 1.87 -8.28
N LEU A 54 25.51 2.38 -8.33
CA LEU A 54 24.47 1.76 -9.14
C LEU A 54 24.26 2.47 -10.48
N ALA A 55 24.98 3.56 -10.77
CA ALA A 55 24.77 4.24 -12.05
C ALA A 55 24.96 3.31 -13.26
N PRO A 56 26.00 2.46 -13.32
CA PRO A 56 26.10 1.57 -14.49
C PRO A 56 24.88 0.68 -14.65
N ALA A 57 24.44 0.07 -13.55
CA ALA A 57 23.29 -0.79 -13.61
C ALA A 57 22.03 -0.02 -14.00
N ALA A 58 21.84 1.19 -13.45
CA ALA A 58 20.67 1.99 -13.82
C ALA A 58 20.68 2.29 -15.31
N HIS A 59 21.84 2.71 -15.83
CA HIS A 59 21.95 2.96 -17.26
C HIS A 59 21.55 1.72 -18.05
N ALA A 60 22.12 0.56 -17.67
CA ALA A 60 21.86 -0.66 -18.44
C ALA A 60 20.39 -1.09 -18.35
N VAL A 61 19.78 -1.00 -17.17
CA VAL A 61 18.40 -1.45 -17.04
CA VAL A 61 18.40 -1.43 -16.99
C VAL A 61 17.45 -0.51 -17.76
N PHE A 62 17.64 0.81 -17.62
CA PHE A 62 16.74 1.72 -18.34
C PHE A 62 16.86 1.56 -19.84
N LYS A 63 18.05 1.23 -20.37
CA LYS A 63 18.18 0.97 -21.80
C LYS A 63 17.36 -0.24 -22.24
N LYS A 64 17.20 -1.24 -21.36
CA LYS A 64 16.40 -2.41 -21.69
C LYS A 64 14.92 -2.19 -21.45
N MET A 65 14.54 -1.21 -20.63
CA MET A 65 13.15 -1.00 -20.26
CA MET A 65 13.15 -1.00 -20.25
C MET A 65 12.36 -0.31 -21.35
N ARG A 66 11.09 -0.68 -21.45
CA ARG A 66 10.10 -0.02 -22.28
C ARG A 66 9.25 0.89 -21.42
N PHE A 67 9.22 2.18 -21.75
CA PHE A 67 8.51 3.18 -20.97
C PHE A 67 8.34 4.40 -21.85
N ASN A 68 7.36 5.23 -21.49
CA ASN A 68 7.13 6.49 -22.19
C ASN A 68 7.17 7.60 -21.16
N PRO A 69 8.19 8.49 -21.21
N PRO A 69 8.21 8.46 -21.17
CA PRO A 69 8.25 9.59 -20.23
CA PRO A 69 8.26 9.59 -20.23
C PRO A 69 7.10 10.58 -20.36
C PRO A 69 7.02 10.49 -20.31
N LYS A 70 6.37 10.53 -21.48
CA LYS A 70 5.19 11.35 -21.68
C LYS A 70 3.90 10.60 -21.40
N ASP A 71 3.97 9.32 -21.01
CA ASP A 71 2.77 8.61 -20.58
C ASP A 71 3.20 7.62 -19.51
N THR A 72 3.25 8.12 -18.28
CA THR A 72 3.70 7.33 -17.15
C THR A 72 2.76 6.20 -16.79
N LYS A 73 1.56 6.17 -17.38
CA LYS A 73 0.55 5.18 -17.03
C LYS A 73 0.33 4.12 -18.11
N TRP A 74 1.15 4.11 -19.18
CA TRP A 74 0.99 3.08 -20.21
C TRP A 74 0.98 1.71 -19.55
N ILE A 75 -0.09 0.92 -19.76
CA ILE A 75 -0.28 -0.25 -18.90
C ILE A 75 0.71 -1.36 -19.21
N ASN A 76 1.32 -1.36 -20.38
CA ASN A 76 2.30 -2.37 -20.77
C ASN A 76 3.74 -1.89 -20.61
N ARG A 77 3.97 -0.79 -19.87
CA ARG A 77 5.33 -0.39 -19.58
C ARG A 77 6.02 -1.42 -18.69
N ASP A 78 7.35 -1.54 -18.84
CA ASP A 78 8.11 -2.14 -17.77
C ASP A 78 8.08 -1.20 -16.56
N ARG A 79 8.05 -1.78 -15.36
CA ARG A 79 8.13 -0.99 -14.13
C ARG A 79 9.52 -1.09 -13.53
N PHE A 80 9.96 0.02 -12.94
CA PHE A 80 11.20 0.06 -12.17
C PHE A 80 10.85 0.50 -10.75
N VAL A 81 11.45 -0.16 -9.76
CA VAL A 81 11.30 0.20 -8.34
C VAL A 81 12.67 0.31 -7.70
N LEU A 82 12.91 1.48 -7.08
CA LEU A 82 14.12 1.70 -6.28
C LEU A 82 13.79 1.37 -4.82
N SER A 83 14.05 0.12 -4.41
CA SER A 83 13.71 -0.29 -3.05
C SER A 83 14.64 0.32 -2.01
N ASN A 84 15.90 0.56 -2.39
CA ASN A 84 16.84 1.31 -1.57
C ASN A 84 16.61 2.80 -1.84
N GLY A 85 15.47 3.30 -1.31
CA GLY A 85 14.95 4.59 -1.71
C GLY A 85 15.82 5.77 -1.35
N HIS A 86 16.71 5.61 -0.37
CA HIS A 86 17.66 6.67 -0.06
C HIS A 86 18.54 7.02 -1.24
N ALA A 87 18.70 6.08 -2.20
CA ALA A 87 19.47 6.31 -3.40
C ALA A 87 18.70 7.10 -4.46
N CYS A 88 17.63 7.81 -4.06
CA CYS A 88 16.76 8.40 -5.07
CA CYS A 88 16.73 8.48 -4.99
C CYS A 88 17.41 9.48 -5.92
N ALA A 89 18.54 10.10 -5.53
CA ALA A 89 19.19 10.99 -6.49
C ALA A 89 19.49 10.28 -7.80
N LEU A 90 19.75 8.97 -7.72
CA LEU A 90 19.94 8.15 -8.92
C LEU A 90 18.67 8.08 -9.76
N LEU A 91 17.55 7.71 -9.13
CA LEU A 91 16.28 7.64 -9.83
C LEU A 91 15.93 8.98 -10.46
N TYR A 92 16.04 10.07 -9.70
CA TYR A 92 15.67 11.36 -10.24
C TYR A 92 16.55 11.73 -11.43
N SER A 93 17.83 11.41 -11.36
CA SER A 93 18.71 11.68 -12.48
C SER A 93 18.28 10.91 -13.73
N MET A 94 17.90 9.63 -13.58
CA MET A 94 17.41 8.89 -14.75
C MET A 94 16.16 9.53 -15.34
N LEU A 95 15.21 9.91 -14.48
CA LEU A 95 13.96 10.48 -14.95
C LEU A 95 14.21 11.80 -15.67
N VAL A 96 15.10 12.63 -15.13
CA VAL A 96 15.44 13.89 -15.79
C VAL A 96 16.08 13.61 -17.15
N LEU A 97 17.05 12.70 -17.20
CA LEU A 97 17.78 12.46 -18.45
C LEU A 97 16.85 11.92 -19.53
N TYR A 98 15.84 11.15 -19.17
CA TYR A 98 14.89 10.59 -20.10
C TYR A 98 13.71 11.51 -20.41
N GLY A 99 13.66 12.71 -19.85
CA GLY A 99 12.61 13.64 -20.24
C GLY A 99 11.26 13.35 -19.64
N TYR A 100 11.21 12.73 -18.47
CA TYR A 100 10.00 12.76 -17.67
C TYR A 100 9.72 14.21 -17.27
N ASP A 101 8.58 14.43 -16.61
CA ASP A 101 8.17 15.75 -16.14
C ASP A 101 8.93 16.11 -14.85
N LEU A 102 10.25 16.18 -14.98
CA LEU A 102 11.20 16.40 -13.90
C LEU A 102 12.45 16.94 -14.59
N THR A 103 13.01 18.04 -14.09
CA THR A 103 14.06 18.74 -14.80
C THR A 103 15.29 18.92 -13.93
N VAL A 104 16.36 19.40 -14.56
CA VAL A 104 17.54 19.77 -13.79
C VAL A 104 17.19 20.82 -12.74
N GLU A 105 16.28 21.74 -13.03
CA GLU A 105 15.88 22.71 -12.02
C GLU A 105 15.26 22.03 -10.82
N ASP A 106 14.50 20.95 -11.03
CA ASP A 106 13.99 20.16 -9.92
C ASP A 106 15.12 19.48 -9.15
N LEU A 107 16.14 18.97 -9.86
CA LEU A 107 17.26 18.36 -9.16
CA LEU A 107 17.27 18.36 -9.17
C LEU A 107 17.98 19.35 -8.27
N LYS A 108 18.08 20.61 -8.71
CA LYS A 108 18.72 21.63 -7.91
C LYS A 108 17.96 21.88 -6.62
N LYS A 109 16.68 21.50 -6.57
CA LYS A 109 15.82 21.63 -5.40
C LYS A 109 15.66 20.31 -4.66
N PHE A 110 16.59 19.38 -4.85
CA PHE A 110 16.58 18.12 -4.12
C PHE A 110 16.46 18.40 -2.63
N ARG A 111 15.54 17.69 -1.98
CA ARG A 111 15.39 17.75 -0.52
C ARG A 111 14.92 19.09 0.00
N GLN A 112 14.43 19.98 -0.87
CA GLN A 112 13.93 21.27 -0.44
C GLN A 112 12.41 21.29 -0.36
N LEU A 113 11.91 22.05 0.61
CA LEU A 113 10.50 22.04 0.91
C LEU A 113 9.68 22.35 -0.34
N GLY A 114 8.71 21.48 -0.62
CA GLY A 114 7.82 21.65 -1.75
C GLY A 114 8.33 21.16 -3.09
N SER A 115 9.54 20.60 -3.16
CA SER A 115 10.10 20.25 -4.45
C SER A 115 9.51 18.92 -4.95
N LYS A 116 9.76 18.67 -6.25
CA LYS A 116 9.41 17.40 -6.88
C LYS A 116 10.49 16.37 -6.72
N THR A 117 11.50 16.67 -5.89
CA THR A 117 12.65 15.79 -5.65
C THR A 117 12.86 15.59 -4.15
N PRO A 118 11.88 15.00 -3.47
CA PRO A 118 12.00 14.79 -2.02
C PRO A 118 13.09 13.78 -1.70
N GLY A 119 13.49 13.77 -0.43
CA GLY A 119 14.63 12.97 0.01
C GLY A 119 14.46 11.46 -0.10
N HIS A 120 13.22 10.97 -0.22
CA HIS A 120 12.92 9.60 -0.62
C HIS A 120 11.80 9.67 -1.65
N PRO A 121 11.70 8.72 -2.57
CA PRO A 121 10.71 8.88 -3.66
C PRO A 121 9.29 8.71 -3.16
N GLU A 122 8.40 9.59 -3.66
CA GLU A 122 6.99 9.55 -3.36
CA GLU A 122 6.98 9.59 -3.35
C GLU A 122 6.20 9.46 -4.66
N ASN A 123 5.40 8.40 -4.80
CA ASN A 123 4.63 8.25 -6.03
C ASN A 123 3.64 9.38 -6.26
N THR A 124 3.14 10.03 -5.19
CA THR A 124 2.17 11.09 -5.41
C THR A 124 2.81 12.35 -6.00
N ASP A 125 4.12 12.52 -5.83
CA ASP A 125 4.74 13.78 -6.20
CA ASP A 125 4.88 13.75 -6.07
C ASP A 125 5.82 13.67 -7.27
N VAL A 126 6.34 12.48 -7.56
CA VAL A 126 7.45 12.32 -8.47
C VAL A 126 6.98 11.56 -9.71
N PRO A 127 6.88 12.21 -10.86
N PRO A 127 6.98 12.17 -10.89
CA PRO A 127 6.56 11.47 -12.10
CA PRO A 127 6.55 11.44 -12.09
C PRO A 127 7.59 10.36 -12.32
C PRO A 127 7.57 10.37 -12.44
N GLY A 128 7.10 9.13 -12.58
CA GLY A 128 7.99 8.00 -12.79
C GLY A 128 8.37 7.23 -11.54
N ALA A 129 7.93 7.68 -10.36
CA ALA A 129 8.08 6.90 -9.13
C ALA A 129 6.84 6.04 -8.97
N GLU A 130 6.99 4.72 -9.14
CA GLU A 130 5.81 3.85 -9.14
C GLU A 130 5.21 3.71 -7.75
N VAL A 131 6.06 3.76 -6.73
CA VAL A 131 5.71 3.52 -5.35
C VAL A 131 6.53 4.47 -4.48
N THR A 132 6.20 4.50 -3.19
CA THR A 132 6.91 5.32 -2.22
C THR A 132 7.85 4.42 -1.45
N THR A 133 9.14 4.73 -1.50
CA THR A 133 10.14 3.94 -0.80
C THR A 133 10.94 4.85 0.15
N GLY A 134 11.93 4.26 0.85
CA GLY A 134 12.60 4.94 1.94
C GLY A 134 12.58 4.09 3.20
N PRO A 135 11.42 3.52 3.54
CA PRO A 135 11.37 2.47 4.55
C PRO A 135 11.86 1.19 3.91
N LEU A 136 13.00 0.68 4.40
CA LEU A 136 13.70 -0.40 3.74
C LEU A 136 12.84 -1.66 3.71
N GLY A 137 13.03 -2.43 2.63
CA GLY A 137 12.34 -3.67 2.43
C GLY A 137 11.05 -3.56 1.64
N GLN A 138 10.44 -2.38 1.63
CA GLN A 138 9.11 -2.24 1.02
C GLN A 138 9.14 -2.41 -0.50
N GLY A 139 10.10 -1.74 -1.16
CA GLY A 139 10.05 -1.66 -2.61
C GLY A 139 10.14 -3.01 -3.29
N ILE A 140 11.02 -3.90 -2.80
CA ILE A 140 11.08 -5.22 -3.41
C ILE A 140 9.74 -5.93 -3.29
N CYS A 141 9.07 -5.80 -2.14
CA CYS A 141 7.76 -6.41 -1.98
C CYS A 141 6.73 -5.76 -2.90
N ASN A 142 6.80 -4.43 -3.04
CA ASN A 142 5.95 -3.77 -4.02
C ASN A 142 6.19 -4.33 -5.42
N GLY A 143 7.46 -4.59 -5.76
CA GLY A 143 7.77 -5.20 -7.04
C GLY A 143 7.17 -6.58 -7.19
N VAL A 144 7.20 -7.38 -6.13
CA VAL A 144 6.48 -8.65 -6.17
C VAL A 144 5.00 -8.43 -6.50
N GLY A 145 4.36 -7.43 -5.88
CA GLY A 145 2.98 -7.16 -6.18
C GLY A 145 2.72 -6.65 -7.60
N ILE A 146 3.60 -5.78 -8.11
CA ILE A 146 3.47 -5.36 -9.50
C ILE A 146 3.56 -6.56 -10.42
N ALA A 147 4.51 -7.46 -10.15
CA ALA A 147 4.68 -8.64 -10.98
C ALA A 147 3.52 -9.62 -10.84
N LEU A 148 2.99 -9.77 -9.63
CA LEU A 148 1.82 -10.61 -9.41
C LEU A 148 0.65 -10.08 -10.23
N ALA A 149 0.38 -8.77 -10.12
CA ALA A 149 -0.68 -8.15 -10.90
C ALA A 149 -0.44 -8.34 -12.40
N GLN A 150 0.80 -8.13 -12.87
CA GLN A 150 1.02 -8.29 -14.30
C GLN A 150 0.69 -9.71 -14.75
N ALA A 151 1.05 -10.71 -13.95
CA ALA A 151 0.79 -12.08 -14.35
C ALA A 151 -0.71 -12.35 -14.37
N GLN A 152 -1.43 -11.83 -13.37
CA GLN A 152 -2.88 -12.02 -13.31
C GLN A 152 -3.57 -11.31 -14.47
N PHE A 153 -3.12 -10.10 -14.74
CA PHE A 153 -3.66 -9.27 -15.82
C PHE A 153 -3.45 -9.94 -17.17
N ALA A 154 -2.22 -10.37 -17.43
CA ALA A 154 -1.91 -11.05 -18.68
C ALA A 154 -2.74 -12.32 -18.82
N ALA A 155 -2.87 -13.09 -17.74
CA ALA A 155 -3.66 -14.31 -17.83
C ALA A 155 -5.12 -13.99 -18.13
N THR A 156 -5.62 -12.86 -17.64
CA THR A 156 -7.02 -12.47 -17.83
C THR A 156 -7.27 -12.00 -19.26
N TYR A 157 -6.35 -11.23 -19.84
CA TYR A 157 -6.61 -10.54 -21.11
C TYR A 157 -5.85 -11.08 -22.31
N ASN A 158 -4.64 -11.63 -22.18
CA ASN A 158 -3.89 -11.97 -23.38
C ASN A 158 -4.60 -13.07 -24.16
N LYS A 159 -4.47 -13.02 -25.48
CA LYS A 159 -5.05 -13.99 -26.39
C LYS A 159 -4.02 -14.29 -27.47
N PRO A 160 -4.21 -15.35 -28.26
CA PRO A 160 -3.26 -15.62 -29.35
C PRO A 160 -3.15 -14.40 -30.26
N ASP A 161 -1.91 -14.02 -30.58
CA ASP A 161 -1.59 -12.83 -31.38
C ASP A 161 -1.90 -11.53 -30.66
N PHE A 162 -2.29 -11.57 -29.38
CA PHE A 162 -2.63 -10.36 -28.62
C PHE A 162 -1.93 -10.37 -27.28
N PRO A 163 -0.62 -10.06 -27.27
CA PRO A 163 0.14 -9.92 -26.00
C PRO A 163 -0.15 -8.53 -25.42
N ILE A 164 -1.36 -8.40 -24.88
CA ILE A 164 -1.77 -7.14 -24.25
C ILE A 164 -0.83 -6.77 -23.12
N SER A 165 -0.42 -7.76 -22.33
CA SER A 165 0.47 -7.51 -21.20
C SER A 165 1.62 -8.49 -21.24
N ASP A 166 2.84 -7.96 -21.33
CA ASP A 166 4.03 -8.80 -21.37
C ASP A 166 5.23 -8.10 -20.71
N SER A 167 4.96 -7.17 -19.82
CA SER A 167 5.97 -6.32 -19.23
C SER A 167 6.70 -6.98 -18.06
N TYR A 168 7.85 -6.41 -17.75
CA TYR A 168 8.71 -6.86 -16.67
C TYR A 168 8.67 -5.87 -15.50
N THR A 169 9.16 -6.36 -14.36
CA THR A 169 9.28 -5.59 -13.14
C THR A 169 10.73 -5.66 -12.69
N TYR A 170 11.41 -4.52 -12.72
CA TYR A 170 12.81 -4.41 -12.38
C TYR A 170 12.93 -3.71 -11.02
N VAL A 171 13.69 -4.30 -10.10
CA VAL A 171 13.80 -3.74 -8.75
C VAL A 171 15.27 -3.64 -8.37
N PHE A 172 15.69 -2.48 -7.88
CA PHE A 172 16.99 -2.35 -7.22
C PHE A 172 16.78 -2.42 -5.72
N LEU A 173 17.61 -3.21 -5.02
N LEU A 173 17.70 -3.10 -5.02
CA LEU A 173 17.57 -3.28 -3.57
CA LEU A 173 17.59 -3.23 -3.58
C LEU A 173 18.98 -3.40 -3.02
C LEU A 173 18.99 -3.41 -3.02
N GLY A 174 19.15 -3.04 -1.75
CA GLY A 174 20.43 -3.13 -1.08
C GLY A 174 20.44 -4.08 0.08
N ASP A 175 21.57 -4.06 0.81
CA ASP A 175 21.72 -4.93 1.96
C ASP A 175 20.65 -4.68 2.99
N GLY A 176 20.27 -3.42 3.20
CA GLY A 176 19.25 -3.14 4.20
C GLY A 176 17.91 -3.78 3.88
N CYS A 177 17.51 -3.71 2.60
CA CYS A 177 16.28 -4.36 2.19
C CYS A 177 16.36 -5.86 2.44
N LEU A 178 17.53 -6.48 2.18
CA LEU A 178 17.71 -7.92 2.39
C LEU A 178 17.73 -8.33 3.85
N MET A 179 18.02 -7.40 4.77
CA MET A 179 17.98 -7.69 6.20
C MET A 179 16.55 -7.60 6.75
N GLU A 180 15.72 -6.77 6.16
CA GLU A 180 14.36 -6.58 6.65
C GLU A 180 13.51 -7.81 6.37
N GLY A 181 12.86 -8.33 7.40
CA GLY A 181 12.11 -9.56 7.25
C GLY A 181 11.01 -9.52 6.21
N VAL A 182 10.43 -8.34 5.98
CA VAL A 182 9.36 -8.26 4.98
C VAL A 182 9.84 -8.73 3.62
N SER A 183 11.12 -8.46 3.27
CA SER A 183 11.60 -8.91 1.96
C SER A 183 11.76 -10.41 1.89
N SER A 184 12.09 -11.05 3.00
CA SER A 184 12.16 -12.51 3.03
C SER A 184 10.78 -13.11 2.78
N GLU A 185 9.76 -12.57 3.46
CA GLU A 185 8.40 -13.03 3.23
C GLU A 185 8.04 -12.93 1.75
N ALA A 186 8.25 -11.77 1.15
CA ALA A 186 7.82 -11.58 -0.23
C ALA A 186 8.64 -12.40 -1.18
N SER A 187 9.93 -12.61 -0.87
CA SER A 187 10.80 -13.38 -1.76
C SER A 187 10.46 -14.86 -1.71
N SER A 188 10.14 -15.39 -0.53
CA SER A 188 9.66 -16.74 -0.44
C SER A 188 8.40 -16.91 -1.28
N LEU A 189 7.44 -16.00 -1.11
CA LEU A 189 6.19 -16.11 -1.84
C LEU A 189 6.40 -15.94 -3.35
N ALA A 190 7.23 -14.99 -3.75
CA ALA A 190 7.46 -14.78 -5.19
C ALA A 190 8.10 -16.01 -5.84
N GLY A 191 9.01 -16.65 -5.13
CA GLY A 191 9.58 -17.90 -5.63
C GLY A 191 8.53 -18.97 -5.76
N HIS A 192 7.69 -19.14 -4.73
CA HIS A 192 6.60 -20.08 -4.81
C HIS A 192 5.71 -19.80 -6.03
N LEU A 193 5.43 -18.52 -6.29
CA LEU A 193 4.53 -18.13 -7.36
C LEU A 193 5.19 -18.11 -8.73
N GLN A 194 6.49 -18.45 -8.82
CA GLN A 194 7.16 -18.64 -10.10
C GLN A 194 7.10 -17.38 -10.97
N LEU A 195 7.29 -16.21 -10.35
CA LEU A 195 7.07 -14.93 -11.01
C LEU A 195 8.28 -14.56 -11.89
N GLY A 196 8.28 -15.14 -13.09
CA GLY A 196 9.41 -15.02 -14.00
C GLY A 196 9.61 -13.66 -14.62
N ASN A 197 8.65 -12.74 -14.51
CA ASN A 197 8.88 -11.41 -15.05
C ASN A 197 9.39 -10.43 -14.01
N LEU A 198 9.71 -10.92 -12.82
CA LEU A 198 10.38 -10.14 -11.79
C LEU A 198 11.89 -10.35 -11.90
N ILE A 199 12.62 -9.24 -12.00
CA ILE A 199 14.07 -9.23 -12.09
C ILE A 199 14.57 -8.21 -11.09
N ALA A 200 15.18 -8.69 -10.01
CA ALA A 200 15.69 -7.84 -8.95
C ALA A 200 17.21 -7.82 -9.02
N PHE A 201 17.78 -6.71 -8.56
CA PHE A 201 19.23 -6.48 -8.60
C PHE A 201 19.65 -6.08 -7.19
N TRP A 202 20.53 -6.90 -6.61
CA TRP A 202 21.11 -6.64 -5.31
C TRP A 202 22.37 -5.82 -5.48
N ASP A 203 22.41 -4.65 -4.85
CA ASP A 203 23.60 -3.82 -4.77
C ASP A 203 24.53 -4.42 -3.71
N ASP A 204 25.40 -5.32 -4.16
CA ASP A 204 26.27 -6.05 -3.25
C ASP A 204 27.55 -5.24 -3.05
N ASN A 205 27.46 -4.27 -2.13
CA ASN A 205 28.57 -3.37 -1.86
C ASN A 205 29.16 -3.55 -0.46
N LYS A 206 28.60 -4.47 0.34
CA LYS A 206 29.14 -4.88 1.62
C LYS A 206 29.26 -3.74 2.64
N ILE A 207 28.44 -2.69 2.50
CA ILE A 207 28.48 -1.53 3.38
C ILE A 207 27.07 -1.11 3.73
N SER A 208 26.79 -0.97 5.03
CA SER A 208 25.55 -0.36 5.48
C SER A 208 25.91 0.76 6.46
N ILE A 209 24.95 1.30 7.21
CA ILE A 209 25.27 2.45 8.05
C ILE A 209 26.28 2.12 9.13
N ASP A 210 26.15 0.94 9.74
CA ASP A 210 27.05 0.53 10.83
C ASP A 210 28.38 0.00 10.33
N GLY A 211 28.65 0.10 9.03
CA GLY A 211 29.95 -0.27 8.49
C GLY A 211 29.87 -1.49 7.61
N SER A 212 30.92 -2.31 7.66
CA SER A 212 30.93 -3.52 6.86
C SER A 212 29.75 -4.41 7.21
N THR A 213 29.20 -5.07 6.19
CA THR A 213 28.21 -6.10 6.47
C THR A 213 28.79 -7.25 7.27
N GLU A 214 30.11 -7.38 7.38
CA GLU A 214 30.67 -8.40 8.24
C GLU A 214 30.23 -8.26 9.69
N VAL A 215 29.81 -7.05 10.12
CA VAL A 215 29.43 -6.89 11.53
C VAL A 215 28.07 -7.47 11.86
N ALA A 216 27.20 -7.72 10.86
CA ALA A 216 25.81 -8.07 11.17
C ALA A 216 25.12 -8.91 10.11
N PHE A 217 25.73 -9.12 8.92
CA PHE A 217 25.00 -9.64 7.77
C PHE A 217 25.97 -10.50 6.95
N THR A 218 26.24 -11.69 7.49
CA THR A 218 27.22 -12.61 6.94
C THR A 218 26.58 -13.84 6.29
N GLU A 219 25.26 -13.88 6.22
CA GLU A 219 24.55 -14.97 5.56
C GLU A 219 24.95 -15.08 4.09
N ASP A 220 24.72 -16.26 3.52
CA ASP A 220 24.92 -16.48 2.10
C ASP A 220 23.60 -16.13 1.40
N VAL A 221 23.50 -14.88 0.96
CA VAL A 221 22.28 -14.35 0.35
C VAL A 221 21.91 -15.17 -0.88
N ILE A 222 22.90 -15.49 -1.72
CA ILE A 222 22.61 -16.22 -2.95
C ILE A 222 22.04 -17.60 -2.63
N ALA A 223 22.64 -18.30 -1.66
CA ALA A 223 22.11 -19.60 -1.26
C ALA A 223 20.68 -19.47 -0.74
N ARG A 224 20.40 -18.39 0.01
CA ARG A 224 19.04 -18.19 0.49
C ARG A 224 18.07 -17.99 -0.66
N TYR A 225 18.45 -17.16 -1.63
CA TYR A 225 17.54 -16.93 -2.76
C TYR A 225 17.35 -18.19 -3.59
N LYS A 226 18.38 -19.02 -3.74
CA LYS A 226 18.16 -20.31 -4.39
CA LYS A 226 18.15 -20.31 -4.40
C LYS A 226 17.14 -21.14 -3.62
N SER A 227 17.19 -21.09 -2.28
CA SER A 227 16.26 -21.88 -1.47
C SER A 227 14.82 -21.46 -1.66
N TYR A 228 14.57 -20.20 -2.04
CA TYR A 228 13.22 -19.72 -2.36
C TYR A 228 12.77 -20.10 -3.77
N GLY A 229 13.65 -20.66 -4.59
CA GLY A 229 13.31 -20.95 -5.99
C GLY A 229 13.55 -19.82 -6.94
N TRP A 230 14.45 -18.89 -6.60
CA TRP A 230 14.85 -17.86 -7.55
C TRP A 230 16.01 -18.35 -8.41
N HIS A 231 16.08 -17.78 -9.61
CA HIS A 231 17.25 -17.88 -10.47
C HIS A 231 18.26 -16.82 -10.06
N ILE A 232 19.55 -17.11 -10.23
CA ILE A 232 20.62 -16.19 -9.84
C ILE A 232 21.48 -15.89 -11.05
N VAL A 233 21.85 -14.61 -11.22
CA VAL A 233 22.95 -14.24 -12.11
C VAL A 233 23.90 -13.38 -11.29
N GLU A 234 25.21 -13.63 -11.37
CA GLU A 234 26.18 -12.83 -10.64
CA GLU A 234 26.19 -12.83 -10.65
C GLU A 234 27.01 -12.01 -11.61
N VAL A 235 27.13 -10.72 -11.31
CA VAL A 235 27.95 -9.79 -12.08
C VAL A 235 29.06 -9.30 -11.16
N SER A 236 30.25 -9.84 -11.33
CA SER A 236 31.30 -9.59 -10.35
C SER A 236 31.93 -8.21 -10.48
N ASP A 237 31.82 -7.57 -11.64
CA ASP A 237 32.35 -6.20 -11.76
CA ASP A 237 32.39 -6.25 -11.90
C ASP A 237 31.28 -5.27 -12.28
N ALA A 238 30.32 -5.03 -11.41
CA ALA A 238 29.22 -4.15 -11.77
C ALA A 238 29.57 -2.67 -11.67
N ASP A 239 30.80 -2.32 -11.28
CA ASP A 239 31.23 -0.94 -11.38
C ASP A 239 31.46 -0.51 -12.82
N THR A 240 31.74 -1.46 -13.73
CA THR A 240 32.04 -1.12 -15.11
C THR A 240 31.34 -1.99 -16.15
N ASP A 241 30.95 -3.22 -15.82
CA ASP A 241 30.62 -4.21 -16.85
C ASP A 241 29.14 -4.15 -17.20
N ILE A 242 28.76 -3.10 -17.95
CA ILE A 242 27.38 -2.99 -18.39
C ILE A 242 27.01 -4.06 -19.41
N THR A 243 28.00 -4.59 -20.15
CA THR A 243 27.70 -5.70 -21.04
C THR A 243 27.18 -6.89 -20.25
N ALA A 244 27.81 -7.19 -19.11
CA ALA A 244 27.36 -8.31 -18.29
C ALA A 244 26.03 -8.02 -17.63
N ILE A 245 25.76 -6.77 -17.26
CA ILE A 245 24.46 -6.45 -16.68
C ILE A 245 23.36 -6.64 -17.71
N ALA A 246 23.58 -6.14 -18.93
CA ALA A 246 22.61 -6.36 -20.00
C ALA A 246 22.42 -7.86 -20.27
N ALA A 247 23.53 -8.63 -20.28
CA ALA A 247 23.41 -10.06 -20.51
C ALA A 247 22.64 -10.75 -19.40
N ALA A 248 22.79 -10.26 -18.16
CA ALA A 248 22.05 -10.85 -17.03
C ALA A 248 20.56 -10.65 -17.20
N ILE A 249 20.16 -9.48 -17.71
CA ILE A 249 18.75 -9.24 -17.99
C ILE A 249 18.25 -10.20 -19.07
N ASP A 250 19.03 -10.35 -20.15
CA ASP A 250 18.61 -11.27 -21.21
C ASP A 250 18.48 -12.69 -20.66
N GLU A 251 19.42 -13.11 -19.80
CA GLU A 251 19.36 -14.43 -19.20
C GLU A 251 18.11 -14.58 -18.33
N ALA A 252 17.85 -13.56 -17.51
CA ALA A 252 16.67 -13.59 -16.65
C ALA A 252 15.38 -13.72 -17.46
N LYS A 253 15.31 -13.04 -18.60
CA LYS A 253 14.11 -13.12 -19.42
C LYS A 253 13.88 -14.52 -19.99
N LYS A 254 14.93 -15.32 -20.15
CA LYS A 254 14.76 -16.69 -20.63
C LYS A 254 14.22 -17.63 -19.57
N VAL A 255 14.33 -17.27 -18.29
CA VAL A 255 13.89 -18.14 -17.19
C VAL A 255 12.49 -17.67 -16.81
N THR A 256 11.48 -18.29 -17.45
CA THR A 256 10.13 -17.75 -17.37
C THR A 256 9.38 -18.20 -16.13
N ASN A 257 9.93 -19.16 -15.38
CA ASN A 257 9.23 -19.73 -14.23
C ASN A 257 9.94 -19.46 -12.92
N LYS A 258 10.87 -18.51 -12.87
CA LYS A 258 11.50 -18.16 -11.60
C LYS A 258 11.77 -16.66 -11.62
N PRO A 259 11.51 -15.95 -10.52
CA PRO A 259 12.06 -14.60 -10.39
C PRO A 259 13.59 -14.69 -10.32
N THR A 260 14.28 -13.64 -10.78
CA THR A 260 15.73 -13.64 -10.82
C THR A 260 16.28 -12.58 -9.90
N LEU A 261 17.34 -12.96 -9.18
CA LEU A 261 18.18 -12.02 -8.43
C LEU A 261 19.52 -11.89 -9.15
N VAL A 262 19.84 -10.66 -9.55
CA VAL A 262 21.13 -10.34 -10.14
C VAL A 262 22.00 -9.73 -9.06
N ARG A 263 23.11 -10.39 -8.74
CA ARG A 263 24.07 -9.89 -7.76
C ARG A 263 24.99 -8.90 -8.46
N LEU A 264 24.88 -7.63 -8.12
CA LEU A 264 25.73 -6.58 -8.68
C LEU A 264 26.82 -6.27 -7.66
N THR A 265 28.02 -6.79 -7.87
CA THR A 265 29.11 -6.45 -6.96
C THR A 265 29.65 -5.08 -7.33
N THR A 266 29.40 -4.12 -6.45
CA THR A 266 29.76 -2.73 -6.69
C THR A 266 30.61 -2.20 -5.55
N THR A 267 31.22 -1.04 -5.81
CA THR A 267 31.89 -0.25 -4.79
C THR A 267 30.98 0.91 -4.41
N ILE A 268 30.54 0.96 -3.14
CA ILE A 268 29.72 2.08 -2.74
C ILE A 268 30.52 3.36 -2.97
N GLY A 269 29.88 4.38 -3.52
CA GLY A 269 30.60 5.61 -3.76
C GLY A 269 31.67 5.54 -4.83
N PHE A 270 31.56 4.57 -5.76
CA PHE A 270 32.56 4.36 -6.79
C PHE A 270 33.05 5.67 -7.38
N GLY A 271 34.37 5.85 -7.36
CA GLY A 271 35.02 7.02 -7.88
C GLY A 271 35.40 8.03 -6.82
N SER A 272 34.65 8.10 -5.73
CA SER A 272 34.96 9.02 -4.65
C SER A 272 36.27 8.65 -3.99
N LEU A 273 36.95 9.67 -3.43
CA LEU A 273 38.09 9.42 -2.54
C LEU A 273 37.70 8.52 -1.40
N ALA A 274 36.43 8.59 -0.99
CA ALA A 274 35.88 7.85 0.14
C ALA A 274 35.08 6.62 -0.31
N GLN A 275 35.29 6.17 -1.54
CA GLN A 275 34.59 4.98 -2.00
C GLN A 275 34.86 3.80 -1.08
N GLY A 276 33.88 2.90 -0.97
CA GLY A 276 34.06 1.72 -0.15
C GLY A 276 33.99 1.96 1.35
N THR A 277 33.39 3.06 1.80
CA THR A 277 33.28 3.35 3.21
C THR A 277 31.84 3.70 3.58
N HIS A 278 31.52 3.52 4.87
CA HIS A 278 30.18 3.89 5.33
C HIS A 278 29.96 5.40 5.25
N GLY A 279 31.03 6.22 5.30
CA GLY A 279 30.86 7.67 5.26
C GLY A 279 30.27 8.18 3.96
N VAL A 280 30.39 7.41 2.88
CA VAL A 280 29.81 7.82 1.59
C VAL A 280 28.36 7.37 1.44
N HIS A 281 27.83 6.60 2.38
CA HIS A 281 26.43 6.16 2.28
C HIS A 281 25.48 7.34 2.32
N GLY A 282 25.68 8.27 3.26
CA GLY A 282 24.58 9.11 3.69
C GLY A 282 24.92 10.53 4.00
N ALA A 283 26.03 11.05 3.48
CA ALA A 283 26.35 12.45 3.65
C ALA A 283 26.96 12.98 2.37
N PRO A 284 26.84 14.28 2.14
CA PRO A 284 27.43 14.87 0.94
C PRO A 284 28.94 14.66 0.85
N LEU A 285 29.42 14.53 -0.37
CA LEU A 285 30.87 14.44 -0.60
C LEU A 285 31.52 15.79 -0.33
N LYS A 286 32.81 15.76 -0.05
CA LYS A 286 33.59 16.98 0.07
C LYS A 286 33.76 17.64 -1.31
N ALA A 287 33.86 18.97 -1.31
CA ALA A 287 33.93 19.69 -2.58
C ALA A 287 35.14 19.26 -3.42
N ASP A 288 36.29 19.01 -2.79
CA ASP A 288 37.47 18.58 -3.55
C ASP A 288 37.29 17.19 -4.14
N ASP A 289 36.55 16.34 -3.43
CA ASP A 289 36.21 15.01 -3.95
C ASP A 289 35.40 15.14 -5.24
N ILE A 290 34.39 16.01 -5.21
CA ILE A 290 33.57 16.21 -6.40
C ILE A 290 34.42 16.74 -7.57
N LYS A 291 35.38 17.62 -7.29
CA LYS A 291 36.24 18.12 -8.36
C LYS A 291 37.03 16.98 -9.01
N GLN A 292 37.63 16.10 -8.19
CA GLN A 292 38.42 15.02 -8.78
C GLN A 292 37.56 14.01 -9.51
N LEU A 293 36.31 13.78 -9.06
CA LEU A 293 35.38 12.95 -9.82
C LEU A 293 35.20 13.52 -11.21
N LYS A 294 34.93 14.82 -11.27
CA LYS A 294 34.66 15.44 -12.56
C LYS A 294 35.86 15.33 -13.48
N THR A 295 37.05 15.67 -12.98
CA THR A 295 38.16 15.64 -13.91
C THR A 295 38.50 14.22 -14.35
N LYS A 296 38.40 13.23 -13.45
CA LYS A 296 38.73 11.86 -13.86
CA LYS A 296 38.65 11.82 -13.78
C LYS A 296 37.78 11.36 -14.93
N TRP A 297 36.57 11.88 -14.99
CA TRP A 297 35.56 11.43 -15.92
C TRP A 297 35.40 12.39 -17.12
N GLY A 298 36.26 13.39 -17.22
CA GLY A 298 36.23 14.27 -18.38
C GLY A 298 35.23 15.39 -18.30
N PHE A 299 34.71 15.70 -17.12
CA PHE A 299 33.78 16.79 -16.91
C PHE A 299 34.53 18.00 -16.37
N ASN A 300 33.88 19.14 -16.41
CA ASN A 300 34.47 20.38 -15.93
C ASN A 300 34.24 20.48 -14.43
N PRO A 301 35.32 20.50 -13.61
CA PRO A 301 35.13 20.56 -12.15
C PRO A 301 34.50 21.85 -11.67
N GLU A 302 34.46 22.88 -12.52
CA GLU A 302 33.79 24.13 -12.17
C GLU A 302 32.30 24.10 -12.46
N GLU A 303 31.79 23.05 -13.09
CA GLU A 303 30.41 23.02 -13.54
C GLU A 303 29.61 22.01 -12.74
N SER A 304 28.37 22.36 -12.44
N SER A 304 28.38 22.38 -12.39
CA SER A 304 27.45 21.43 -11.79
CA SER A 304 27.43 21.46 -11.78
C SER A 304 26.20 21.24 -12.63
C SER A 304 26.26 21.18 -12.73
N PHE A 305 25.60 20.06 -12.49
CA PHE A 305 24.38 19.68 -13.21
C PHE A 305 24.60 19.64 -14.72
N ALA A 306 25.77 19.20 -15.16
CA ALA A 306 26.04 19.10 -16.59
C ALA A 306 25.24 17.97 -17.23
N VAL A 307 24.67 18.24 -18.40
CA VAL A 307 23.99 17.21 -19.18
C VAL A 307 24.52 17.27 -20.61
N PRO A 308 25.51 16.45 -20.94
CA PRO A 308 26.07 16.48 -22.30
C PRO A 308 24.99 16.16 -23.31
N ALA A 309 24.95 16.94 -24.40
CA ALA A 309 23.91 16.73 -25.39
C ALA A 309 23.98 15.35 -26.05
N GLU A 310 25.17 14.76 -26.13
CA GLU A 310 25.31 13.39 -26.64
CA GLU A 310 25.20 13.44 -26.72
C GLU A 310 24.47 12.40 -25.84
N VAL A 311 24.47 12.59 -24.51
CA VAL A 311 23.73 11.70 -23.63
C VAL A 311 22.23 11.88 -23.87
N THR A 312 21.78 13.15 -23.91
CA THR A 312 20.39 13.43 -24.21
C THR A 312 20.00 12.78 -25.54
N ALA A 313 20.85 12.90 -26.55
CA ALA A 313 20.52 12.33 -27.86
C ALA A 313 20.35 10.82 -27.77
N SER A 314 21.30 10.16 -27.10
CA SER A 314 21.23 8.71 -27.00
C SER A 314 19.98 8.27 -26.25
N TYR A 315 19.66 8.95 -25.16
CA TYR A 315 18.50 8.59 -24.38
C TYR A 315 17.21 8.90 -25.15
N ASN A 316 17.20 10.01 -25.89
CA ASN A 316 16.05 10.35 -26.73
C ASN A 316 15.80 9.29 -27.78
N GLU A 317 16.86 8.69 -28.36
N GLU A 317 16.85 8.69 -28.33
CA GLU A 317 16.67 7.61 -29.33
CA GLU A 317 16.62 7.65 -29.32
C GLU A 317 15.87 6.48 -28.70
C GLU A 317 15.88 6.46 -28.71
N HIS A 318 16.23 6.09 -27.47
CA HIS A 318 15.55 5.00 -26.80
C HIS A 318 14.10 5.38 -26.50
N VAL A 319 13.87 6.62 -26.06
CA VAL A 319 12.49 7.09 -25.84
C VAL A 319 11.68 7.00 -27.12
N ALA A 320 12.26 7.46 -28.24
CA ALA A 320 11.51 7.46 -29.50
C ALA A 320 11.15 6.03 -29.89
N GLU A 321 12.08 5.09 -29.72
CA GLU A 321 11.79 3.70 -30.00
C GLU A 321 10.68 3.18 -29.10
N ASN A 322 10.76 3.50 -27.80
CA ASN A 322 9.73 3.06 -26.87
C ASN A 322 8.37 3.64 -27.23
N GLN A 323 8.35 4.90 -27.68
CA GLN A 323 7.07 5.51 -28.07
C GLN A 323 6.49 4.83 -29.30
N LYS A 324 7.34 4.40 -30.25
CA LYS A 324 6.82 3.61 -31.36
C LYS A 324 6.28 2.27 -30.88
N ILE A 325 6.92 1.65 -29.87
CA ILE A 325 6.37 0.42 -29.31
C ILE A 325 5.01 0.68 -28.68
N GLN A 326 4.86 1.77 -27.92
CA GLN A 326 3.55 2.06 -27.35
C GLN A 326 2.52 2.36 -28.44
N GLN A 327 2.92 3.07 -29.50
CA GLN A 327 2.00 3.33 -30.61
C GLN A 327 1.49 2.03 -31.21
N GLN A 328 2.38 1.06 -31.40
CA GLN A 328 1.97 -0.23 -31.91
C GLN A 328 1.07 -0.97 -30.92
N TRP A 329 1.37 -0.85 -29.62
CA TRP A 329 0.50 -1.42 -28.60
C TRP A 329 -0.90 -0.83 -28.67
N ASN A 330 -1.00 0.49 -28.89
CA ASN A 330 -2.32 1.09 -29.02
C ASN A 330 -3.09 0.47 -30.19
N GLU A 331 -2.41 0.21 -31.30
CA GLU A 331 -3.09 -0.43 -32.41
C GLU A 331 -3.43 -1.87 -32.12
N LEU A 332 -2.57 -2.59 -31.40
CA LEU A 332 -2.88 -3.93 -30.94
C LEU A 332 -4.14 -3.92 -30.09
N PHE A 333 -4.25 -2.96 -29.18
CA PHE A 333 -5.41 -2.85 -28.31
C PHE A 333 -6.67 -2.56 -29.11
N ALA A 334 -6.58 -1.69 -30.12
CA ALA A 334 -7.74 -1.45 -30.97
C ALA A 334 -8.16 -2.72 -31.68
N ALA A 335 -7.20 -3.48 -32.21
CA ALA A 335 -7.53 -4.74 -32.88
C ALA A 335 -8.10 -5.76 -31.91
N TYR A 336 -7.60 -5.75 -30.68
CA TYR A 336 -8.12 -6.63 -29.64
C TYR A 336 -9.58 -6.35 -29.36
N LYS A 337 -9.96 -5.07 -29.30
CA LYS A 337 -11.35 -4.71 -29.06
C LYS A 337 -12.26 -5.18 -30.18
N GLN A 338 -11.74 -5.24 -31.40
CA GLN A 338 -12.56 -5.79 -32.47
C GLN A 338 -12.65 -7.31 -32.39
N LYS A 339 -11.55 -7.99 -32.08
CA LYS A 339 -11.57 -9.44 -32.07
C LYS A 339 -12.25 -10.01 -30.81
N TYR A 340 -12.14 -9.31 -29.68
CA TYR A 340 -12.65 -9.77 -28.38
C TYR A 340 -13.48 -8.64 -27.81
N PRO A 341 -14.70 -8.43 -28.32
N PRO A 341 -14.70 -8.44 -28.33
CA PRO A 341 -15.41 -7.19 -27.96
CA PRO A 341 -15.44 -7.22 -27.96
C PRO A 341 -15.76 -7.07 -26.48
C PRO A 341 -15.71 -7.08 -26.47
N GLU A 342 -16.10 -8.17 -25.80
CA GLU A 342 -16.45 -8.10 -24.39
C GLU A 342 -15.22 -7.83 -23.54
N LEU A 343 -14.16 -8.62 -23.73
CA LEU A 343 -12.95 -8.40 -22.96
C LEU A 343 -12.37 -7.03 -23.27
N GLY A 344 -12.45 -6.61 -24.52
CA GLY A 344 -11.90 -5.33 -24.89
C GLY A 344 -12.60 -4.19 -24.18
N ALA A 345 -13.93 -4.25 -24.11
CA ALA A 345 -14.67 -3.20 -23.40
C ALA A 345 -14.35 -3.22 -21.90
N GLU A 346 -14.21 -4.42 -21.32
CA GLU A 346 -13.85 -4.52 -19.92
C GLU A 346 -12.48 -3.92 -19.66
N LEU A 347 -11.53 -4.22 -20.52
CA LEU A 347 -10.19 -3.67 -20.39
C LEU A 347 -10.21 -2.16 -20.52
N GLN A 348 -10.95 -1.63 -21.51
CA GLN A 348 -11.05 -0.20 -21.68
C GLN A 348 -11.61 0.47 -20.44
N ARG A 349 -12.71 -0.08 -19.90
CA ARG A 349 -13.30 0.49 -18.71
C ARG A 349 -12.29 0.55 -17.56
N ARG A 350 -11.56 -0.54 -17.36
CA ARG A 350 -10.56 -0.57 -16.31
C ARG A 350 -9.45 0.45 -16.52
N LEU A 351 -8.97 0.61 -17.77
CA LEU A 351 -7.92 1.58 -18.03
C LEU A 351 -8.44 3.00 -17.90
N ASP A 352 -9.75 3.19 -18.00
CA ASP A 352 -10.37 4.48 -17.74
C ASP A 352 -10.60 4.73 -16.26
N GLY A 353 -10.32 3.75 -15.41
CA GLY A 353 -10.48 3.94 -13.98
C GLY A 353 -11.90 3.83 -13.48
N LYS A 354 -12.80 3.19 -14.23
CA LYS A 354 -14.22 3.16 -13.92
C LYS A 354 -14.61 1.75 -13.53
N LEU A 355 -15.39 1.64 -12.45
CA LEU A 355 -16.01 0.39 -12.07
C LEU A 355 -17.17 0.07 -13.03
N PRO A 356 -17.62 -1.19 -13.06
CA PRO A 356 -18.80 -1.51 -13.89
C PRO A 356 -19.99 -0.66 -13.47
N GLU A 357 -20.77 -0.27 -14.47
CA GLU A 357 -21.97 0.52 -14.22
C GLU A 357 -22.88 -0.23 -13.26
N ASN A 358 -23.31 0.47 -12.19
CA ASN A 358 -24.26 -0.07 -11.22
C ASN A 358 -23.75 -1.33 -10.53
N TRP A 359 -22.42 -1.47 -10.41
CA TRP A 359 -21.86 -2.65 -9.76
C TRP A 359 -22.42 -2.80 -8.35
N ASP A 360 -22.74 -1.68 -7.70
CA ASP A 360 -23.12 -1.70 -6.31
C ASP A 360 -24.52 -2.26 -6.09
N LYS A 361 -25.28 -2.47 -7.16
CA LYS A 361 -26.55 -3.19 -7.03
C LYS A 361 -26.34 -4.63 -6.58
N ALA A 362 -25.13 -5.16 -6.69
CA ALA A 362 -24.83 -6.49 -6.19
C ALA A 362 -24.64 -6.52 -4.67
N LEU A 363 -24.47 -5.38 -4.01
CA LEU A 363 -24.23 -5.38 -2.57
C LEU A 363 -25.46 -5.91 -1.84
N PRO A 364 -25.29 -6.85 -0.92
CA PRO A 364 -26.43 -7.33 -0.14
C PRO A 364 -27.04 -6.26 0.75
N VAL A 365 -28.35 -6.35 0.89
CA VAL A 365 -29.13 -5.45 1.76
C VAL A 365 -29.90 -6.31 2.73
N TYR A 366 -30.07 -5.81 3.94
CA TYR A 366 -30.69 -6.52 5.05
C TYR A 366 -31.77 -5.67 5.67
N THR A 367 -32.66 -6.36 6.39
CA THR A 367 -33.68 -5.67 7.17
C THR A 367 -33.57 -6.12 8.61
N PRO A 368 -34.25 -5.43 9.53
CA PRO A 368 -34.18 -5.85 10.93
C PRO A 368 -34.82 -7.20 11.18
N ALA A 369 -35.60 -7.74 10.24
CA ALA A 369 -36.17 -9.07 10.39
C ALA A 369 -35.17 -10.18 10.08
N ASP A 370 -34.04 -9.86 9.48
CA ASP A 370 -33.07 -10.88 9.12
C ASP A 370 -32.27 -11.34 10.34
N ALA A 371 -31.67 -12.52 10.23
CA ALA A 371 -30.95 -13.12 11.34
C ALA A 371 -29.69 -12.35 11.69
N ALA A 372 -29.23 -12.56 12.93
CA ALA A 372 -27.94 -12.07 13.37
C ALA A 372 -26.84 -12.83 12.63
N VAL A 373 -25.77 -12.11 12.27
CA VAL A 373 -24.65 -12.62 11.48
C VAL A 373 -23.39 -11.92 11.99
N ALA A 374 -22.26 -12.64 12.06
CA ALA A 374 -20.98 -11.98 12.34
C ALA A 374 -20.58 -11.12 11.15
N THR A 375 -19.90 -10.00 11.41
CA THR A 375 -19.52 -9.21 10.24
C THR A 375 -18.44 -9.88 9.40
N ARG A 376 -17.66 -10.85 9.94
CA ARG A 376 -16.79 -11.62 9.05
C ARG A 376 -17.60 -12.40 8.02
N LYS A 377 -18.75 -12.94 8.44
CA LYS A 377 -19.58 -13.72 7.53
C LYS A 377 -20.32 -12.80 6.56
N LEU A 378 -20.77 -11.64 7.05
CA LEU A 378 -21.34 -10.66 6.12
C LEU A 378 -20.34 -10.27 5.05
N SER A 379 -19.08 -10.09 5.45
CA SER A 379 -18.01 -9.80 4.50
C SER A 379 -17.87 -10.92 3.46
N GLU A 380 -17.83 -12.17 3.90
CA GLU A 380 -17.81 -13.29 2.95
C GLU A 380 -18.95 -13.17 1.94
N ILE A 381 -20.15 -12.87 2.43
CA ILE A 381 -21.30 -12.79 1.56
C ILE A 381 -21.15 -11.64 0.56
N VAL A 382 -20.67 -10.46 1.01
CA VAL A 382 -20.42 -9.37 0.08
C VAL A 382 -19.46 -9.81 -1.02
N LEU A 383 -18.31 -10.38 -0.61
CA LEU A 383 -17.30 -10.79 -1.57
C LEU A 383 -17.88 -11.77 -2.58
N SER A 384 -18.74 -12.69 -2.11
N SER A 384 -18.74 -12.69 -2.09
CA SER A 384 -19.29 -13.67 -3.02
CA SER A 384 -19.36 -13.68 -2.96
C SER A 384 -20.27 -13.07 -4.02
C SER A 384 -20.20 -13.02 -4.04
N LYS A 385 -20.84 -11.90 -3.71
CA LYS A 385 -21.70 -11.21 -4.67
C LYS A 385 -20.92 -10.27 -5.58
N ILE A 386 -19.87 -9.63 -5.10
CA ILE A 386 -19.23 -8.60 -5.90
C ILE A 386 -18.07 -9.13 -6.73
N ILE A 387 -17.38 -10.18 -6.28
CA ILE A 387 -16.29 -10.74 -7.08
C ILE A 387 -16.76 -11.14 -8.48
N PRO A 388 -17.89 -11.82 -8.65
CA PRO A 388 -18.33 -12.14 -10.02
C PRO A 388 -18.68 -10.93 -10.85
N GLU A 389 -19.02 -9.81 -10.22
CA GLU A 389 -19.44 -8.62 -10.92
C GLU A 389 -18.32 -7.65 -11.24
N VAL A 390 -17.18 -7.76 -10.56
CA VAL A 390 -16.13 -6.75 -10.66
C VAL A 390 -14.82 -7.51 -10.86
N PRO A 391 -14.40 -7.71 -12.10
CA PRO A 391 -13.23 -8.57 -12.34
C PRO A 391 -11.93 -8.04 -11.78
N GLU A 392 -11.83 -6.73 -11.57
CA GLU A 392 -10.61 -6.15 -11.02
C GLU A 392 -10.46 -6.34 -9.50
N ILE A 393 -11.41 -7.00 -8.84
CA ILE A 393 -11.21 -7.41 -7.46
C ILE A 393 -10.42 -8.72 -7.43
N ILE A 394 -9.27 -8.69 -6.76
CA ILE A 394 -8.54 -9.89 -6.37
C ILE A 394 -8.11 -9.71 -4.93
N GLY A 395 -7.80 -10.81 -4.24
CA GLY A 395 -7.32 -10.63 -2.88
C GLY A 395 -6.95 -11.96 -2.28
N GLY A 396 -6.66 -11.97 -0.99
CA GLY A 396 -6.23 -13.20 -0.34
C GLY A 396 -6.26 -13.06 1.15
N SER A 397 -5.61 -14.02 1.81
CA SER A 397 -5.48 -14.02 3.27
C SER A 397 -4.10 -14.53 3.64
N ALA A 398 -3.63 -14.07 4.80
CA ALA A 398 -2.36 -14.51 5.36
C ALA A 398 -2.59 -15.76 6.22
N ASP A 399 -2.85 -16.88 5.53
CA ASP A 399 -3.08 -18.17 6.19
C ASP A 399 -4.27 -18.14 7.14
N LEU A 400 -5.30 -17.35 6.83
CA LEU A 400 -6.49 -17.31 7.67
C LEU A 400 -7.76 -17.42 6.83
N THR A 401 -7.69 -18.07 5.68
CA THR A 401 -8.85 -18.12 4.79
C THR A 401 -10.12 -18.63 5.45
N PRO A 402 -10.10 -19.75 6.19
CA PRO A 402 -11.35 -20.25 6.79
C PRO A 402 -11.75 -19.51 8.05
N SER A 403 -10.93 -18.59 8.56
N SER A 403 -10.96 -18.55 8.47
CA SER A 403 -11.29 -17.76 9.70
CA SER A 403 -11.25 -17.77 9.66
C SER A 403 -11.71 -16.35 9.29
C SER A 403 -11.64 -16.34 9.33
N ASN A 404 -11.00 -15.75 8.31
CA ASN A 404 -11.38 -14.43 7.81
C ASN A 404 -12.58 -14.51 6.85
N LEU A 405 -12.75 -15.67 6.20
CA LEU A 405 -13.85 -15.92 5.25
C LEU A 405 -13.72 -15.04 4.02
N THR A 406 -12.51 -15.01 3.46
CA THR A 406 -12.11 -14.09 2.40
C THR A 406 -12.18 -14.67 0.99
N LYS A 407 -12.45 -15.95 0.82
CA LYS A 407 -12.50 -16.56 -0.50
C LYS A 407 -13.94 -16.79 -0.91
N ALA A 408 -14.29 -16.33 -2.11
CA ALA A 408 -15.61 -16.65 -2.66
C ALA A 408 -15.63 -18.09 -3.18
N LYS A 409 -16.63 -18.86 -2.75
CA LYS A 409 -16.74 -20.24 -3.19
C LYS A 409 -16.72 -20.31 -4.70
N GLY A 410 -15.98 -21.26 -5.24
CA GLY A 410 -15.97 -21.46 -6.66
C GLY A 410 -14.87 -20.72 -7.38
N THR A 411 -14.16 -19.82 -6.72
CA THR A 411 -13.07 -19.18 -7.42
C THR A 411 -11.82 -20.02 -7.34
N VAL A 412 -10.90 -19.71 -8.23
CA VAL A 412 -9.64 -20.43 -8.35
C VAL A 412 -8.52 -19.58 -7.75
N ASP A 413 -7.56 -20.25 -7.12
CA ASP A 413 -6.45 -19.53 -6.54
C ASP A 413 -5.49 -19.06 -7.62
N PHE A 414 -4.86 -17.92 -7.34
CA PHE A 414 -3.73 -17.44 -8.10
C PHE A 414 -2.50 -18.30 -7.75
N GLN A 415 -2.11 -19.17 -8.67
CA GLN A 415 -0.95 -20.03 -8.56
C GLN A 415 -0.43 -20.24 -9.97
N PRO A 416 0.86 -20.54 -10.13
CA PRO A 416 1.32 -21.00 -11.44
C PRO A 416 0.62 -22.31 -11.77
N ALA A 417 0.13 -22.42 -13.01
CA ALA A 417 -0.55 -23.66 -13.43
C ALA A 417 0.34 -24.88 -13.27
N ALA A 418 1.67 -24.73 -13.38
CA ALA A 418 2.57 -25.86 -13.22
C ALA A 418 2.36 -26.59 -11.89
N THR A 419 1.88 -25.87 -10.87
CA THR A 419 1.68 -26.50 -9.57
C THR A 419 0.43 -27.37 -9.50
N GLY A 420 -0.52 -27.17 -10.42
CA GLY A 420 -1.82 -27.82 -10.33
C GLY A 420 -2.75 -27.26 -9.27
N LEU A 421 -2.36 -26.19 -8.58
CA LEU A 421 -3.09 -25.69 -7.42
C LEU A 421 -3.90 -24.44 -7.72
N GLY A 422 -3.83 -23.95 -8.95
CA GLY A 422 -4.47 -22.71 -9.34
C GLY A 422 -4.00 -22.35 -10.73
N ASP A 423 -4.18 -21.08 -11.08
CA ASP A 423 -3.74 -20.58 -12.37
C ASP A 423 -3.46 -19.09 -12.20
N TYR A 424 -2.66 -18.50 -13.09
CA TYR A 424 -2.44 -17.07 -12.98
C TYR A 424 -3.71 -16.26 -13.26
N SER A 425 -4.74 -16.85 -13.90
CA SER A 425 -6.01 -16.15 -14.04
C SER A 425 -6.82 -16.17 -12.75
N GLY A 426 -6.37 -16.89 -11.74
CA GLY A 426 -7.07 -16.99 -10.49
C GLY A 426 -7.17 -15.65 -9.77
N ARG A 427 -8.05 -15.63 -8.78
CA ARG A 427 -8.40 -14.41 -8.10
C ARG A 427 -8.14 -14.40 -6.61
N TYR A 428 -7.67 -15.52 -6.05
CA TYR A 428 -7.51 -15.66 -4.62
C TYR A 428 -6.07 -16.03 -4.30
N ILE A 429 -5.43 -15.25 -3.45
CA ILE A 429 -4.00 -15.38 -3.17
C ILE A 429 -3.79 -16.00 -1.79
N ARG A 430 -3.02 -17.09 -1.75
CA ARG A 430 -2.61 -17.73 -0.51
C ARG A 430 -1.31 -17.07 -0.08
N TYR A 431 -1.42 -16.03 0.76
CA TYR A 431 -0.23 -15.27 1.17
C TYR A 431 0.64 -16.02 2.16
N GLY A 432 0.12 -17.06 2.82
CA GLY A 432 0.87 -17.65 3.92
C GLY A 432 0.93 -16.70 5.12
N VAL A 433 1.73 -17.04 6.13
CA VAL A 433 1.73 -16.29 7.38
C VAL A 433 2.70 -15.11 7.23
N ARG A 434 2.27 -14.12 6.44
CA ARG A 434 3.16 -13.09 5.89
C ARG A 434 2.41 -11.76 5.82
N GLU A 435 1.94 -11.25 6.96
CA GLU A 435 1.09 -10.05 6.91
C GLU A 435 1.82 -8.87 6.31
N HIS A 436 3.07 -8.65 6.72
CA HIS A 436 3.77 -7.46 6.29
C HIS A 436 3.99 -7.47 4.78
N ALA A 437 4.48 -8.60 4.25
CA ALA A 437 4.62 -8.69 2.81
C ALA A 437 3.28 -8.61 2.11
N MET A 438 2.23 -9.22 2.68
CA MET A 438 0.90 -9.07 2.08
C MET A 438 0.55 -7.59 1.93
N GLY A 439 0.78 -6.80 2.98
CA GLY A 439 0.47 -5.38 2.88
C GLY A 439 1.25 -4.66 1.80
N ALA A 440 2.55 -4.97 1.67
CA ALA A 440 3.37 -4.31 0.66
C ALA A 440 3.08 -4.84 -0.75
N ILE A 441 2.77 -6.13 -0.86
CA ILE A 441 2.33 -6.71 -2.14
C ILE A 441 1.02 -6.07 -2.57
N MET A 442 0.09 -5.87 -1.64
CA MET A 442 -1.15 -5.17 -2.00
CA MET A 442 -1.15 -5.17 -1.97
C MET A 442 -0.85 -3.79 -2.56
N ASN A 443 0.11 -3.07 -1.98
CA ASN A 443 0.46 -1.78 -2.53
C ASN A 443 0.98 -1.91 -3.95
N GLY A 444 1.80 -2.94 -4.22
CA GLY A 444 2.27 -3.16 -5.58
C GLY A 444 1.16 -3.50 -6.57
N ILE A 445 0.19 -4.32 -6.16
CA ILE A 445 -0.93 -4.64 -7.03
C ILE A 445 -1.70 -3.35 -7.37
N ALA A 446 -1.95 -2.51 -6.36
CA ALA A 446 -2.59 -1.22 -6.62
C ALA A 446 -1.76 -0.39 -7.57
N ALA A 447 -0.44 -0.35 -7.34
CA ALA A 447 0.46 0.44 -8.16
C ALA A 447 0.47 -0.01 -9.62
N PHE A 448 0.25 -1.30 -9.87
CA PHE A 448 0.17 -1.78 -11.25
C PHE A 448 -0.85 -0.96 -12.03
N GLY A 449 -2.00 -0.68 -11.41
CA GLY A 449 -3.04 0.08 -12.04
C GLY A 449 -4.16 -0.80 -12.55
N ALA A 450 -4.70 -0.44 -13.71
CA ALA A 450 -5.80 -1.19 -14.32
C ALA A 450 -6.99 -1.36 -13.37
N ASN A 451 -7.20 -0.38 -12.50
CA ASN A 451 -8.32 -0.37 -11.59
C ASN A 451 -8.32 -1.50 -10.59
N TYR A 452 -7.18 -2.19 -10.35
CA TYR A 452 -7.21 -3.27 -9.37
C TYR A 452 -7.69 -2.77 -8.03
N LYS A 453 -8.64 -3.51 -7.45
CA LYS A 453 -9.20 -3.22 -6.13
C LYS A 453 -8.88 -4.48 -5.32
N ASN A 454 -7.77 -4.46 -4.56
CA ASN A 454 -7.28 -5.69 -3.98
CA ASN A 454 -7.29 -5.70 -3.97
C ASN A 454 -7.30 -5.67 -2.45
N TYR A 455 -7.42 -6.85 -1.87
CA TYR A 455 -7.65 -6.96 -0.44
C TYR A 455 -6.80 -8.08 0.18
N GLY A 456 -6.68 -8.00 1.50
CA GLY A 456 -5.85 -8.94 2.23
C GLY A 456 -6.47 -9.18 3.60
N GLY A 457 -6.65 -10.44 3.96
CA GLY A 457 -7.26 -10.82 5.23
C GLY A 457 -6.24 -11.22 6.28
N THR A 458 -6.47 -10.73 7.49
CA THR A 458 -5.83 -11.28 8.68
C THR A 458 -6.69 -10.87 9.88
N PHE A 459 -6.29 -11.29 11.08
CA PHE A 459 -6.93 -10.76 12.27
C PHE A 459 -6.51 -9.31 12.45
N LEU A 460 -7.44 -8.46 12.93
CA LEU A 460 -7.11 -7.06 13.16
C LEU A 460 -5.83 -6.90 13.98
N ASN A 461 -5.65 -7.71 15.03
CA ASN A 461 -4.47 -7.51 15.87
C ASN A 461 -3.17 -7.73 15.12
N PHE A 462 -3.20 -8.54 14.06
CA PHE A 462 -2.01 -8.83 13.29
C PHE A 462 -1.86 -7.96 12.06
N VAL A 463 -2.81 -7.06 11.78
CA VAL A 463 -2.51 -5.98 10.84
C VAL A 463 -1.33 -5.20 11.34
N SER A 464 -1.16 -5.15 12.67
CA SER A 464 -0.03 -4.42 13.26
C SER A 464 1.32 -4.95 12.81
N TYR A 465 1.41 -6.25 12.47
CA TYR A 465 2.67 -6.80 11.93
C TYR A 465 3.08 -6.11 10.63
N ALA A 466 2.12 -5.51 9.94
CA ALA A 466 2.26 -4.93 8.61
C ALA A 466 2.25 -3.42 8.65
N ALA A 467 2.38 -2.80 9.83
CA ALA A 467 2.29 -1.35 9.94
C ALA A 467 3.21 -0.63 8.98
N GLY A 468 4.42 -1.13 8.74
CA GLY A 468 5.32 -0.45 7.83
C GLY A 468 4.72 -0.22 6.46
N ALA A 469 4.02 -1.24 5.94
CA ALA A 469 3.36 -1.16 4.64
C ALA A 469 2.05 -0.41 4.73
N VAL A 470 1.26 -0.61 5.79
CA VAL A 470 -0.04 0.07 5.89
C VAL A 470 0.15 1.58 5.83
N ARG A 471 1.14 2.09 6.57
CA ARG A 471 1.37 3.51 6.57
C ARG A 471 1.68 4.00 5.17
N LEU A 472 2.46 3.22 4.42
CA LEU A 472 2.77 3.57 3.05
C LEU A 472 1.55 3.48 2.15
N SER A 473 0.58 2.60 2.43
CA SER A 473 -0.66 2.66 1.65
C SER A 473 -1.32 4.04 1.79
N ALA A 474 -1.30 4.59 2.99
CA ALA A 474 -1.89 5.87 3.27
C ALA A 474 -1.11 7.00 2.60
N LEU A 475 0.22 7.01 2.76
CA LEU A 475 1.04 8.07 2.17
C LEU A 475 1.02 8.01 0.65
N SER A 476 0.97 6.80 0.09
CA SER A 476 0.98 6.57 -1.34
C SER A 476 -0.38 6.73 -1.98
N GLU A 477 -1.43 6.82 -1.17
CA GLU A 477 -2.80 7.01 -1.66
C GLU A 477 -3.27 5.84 -2.50
N PHE A 478 -3.00 4.62 -2.00
CA PHE A 478 -3.44 3.42 -2.71
C PHE A 478 -4.73 2.85 -2.12
N PRO A 479 -5.69 2.52 -2.97
CA PRO A 479 -6.99 1.97 -2.53
C PRO A 479 -6.89 0.46 -2.31
N ILE A 480 -6.14 0.07 -1.28
CA ILE A 480 -6.07 -1.31 -0.84
C ILE A 480 -7.03 -1.49 0.33
N THR A 481 -7.37 -2.75 0.62
CA THR A 481 -8.32 -3.06 1.68
C THR A 481 -7.83 -4.21 2.54
N TRP A 482 -7.81 -3.98 3.85
CA TRP A 482 -7.56 -5.03 4.83
C TRP A 482 -8.90 -5.55 5.33
N VAL A 483 -9.08 -6.87 5.23
CA VAL A 483 -10.26 -7.55 5.77
C VAL A 483 -9.81 -8.09 7.12
N ALA A 484 -10.07 -7.31 8.16
CA ALA A 484 -9.40 -7.43 9.45
C ALA A 484 -10.40 -7.97 10.47
N THR A 485 -10.52 -9.29 10.52
CA THR A 485 -11.54 -9.92 11.35
C THR A 485 -11.06 -10.07 12.80
N HIS A 486 -11.95 -10.60 13.64
CA HIS A 486 -11.58 -10.87 15.04
C HIS A 486 -11.18 -9.57 15.74
N ASP A 487 -12.06 -8.59 15.62
CA ASP A 487 -11.71 -7.20 15.94
C ASP A 487 -11.53 -6.89 17.43
N SER A 488 -11.94 -7.75 18.36
CA SER A 488 -11.98 -7.31 19.75
C SER A 488 -11.96 -8.52 20.68
N ILE A 489 -12.12 -8.24 21.98
CA ILE A 489 -12.39 -9.27 22.97
C ILE A 489 -13.55 -10.19 22.58
N GLY A 490 -14.42 -9.74 21.65
CA GLY A 490 -15.47 -10.62 21.15
C GLY A 490 -14.96 -11.90 20.53
N LEU A 491 -13.67 -11.99 20.18
CA LEU A 491 -13.13 -13.26 19.67
C LEU A 491 -13.02 -14.32 20.77
N GLY A 492 -12.94 -13.91 22.04
CA GLY A 492 -12.99 -14.90 23.12
C GLY A 492 -11.67 -15.59 23.45
N GLU A 493 -11.69 -16.92 23.32
CA GLU A 493 -10.72 -17.78 24.01
C GLU A 493 -9.29 -17.60 23.56
N ASP A 494 -9.04 -17.19 22.32
CA ASP A 494 -7.64 -17.02 21.93
C ASP A 494 -6.92 -16.01 22.81
N GLY A 495 -7.64 -15.06 23.44
CA GLY A 495 -7.05 -14.30 24.53
C GLY A 495 -6.29 -13.05 24.12
N PRO A 496 -5.58 -12.46 25.09
CA PRO A 496 -5.10 -11.07 24.93
C PRO A 496 -4.02 -10.91 23.88
N THR A 497 -3.28 -11.96 23.53
CA THR A 497 -2.30 -11.84 22.45
C THR A 497 -2.96 -11.69 21.09
N HIS A 498 -4.27 -11.95 21.01
CA HIS A 498 -5.03 -11.85 19.78
C HIS A 498 -6.03 -10.70 19.75
N GLN A 499 -6.31 -10.06 20.90
CA GLN A 499 -7.45 -9.13 21.03
C GLN A 499 -6.95 -7.70 20.90
N PRO A 500 -7.37 -6.97 19.85
CA PRO A 500 -6.95 -5.56 19.68
C PRO A 500 -7.40 -4.68 20.83
N ILE A 501 -6.54 -3.70 21.16
CA ILE A 501 -6.87 -2.63 22.10
C ILE A 501 -6.52 -1.29 21.47
N GLU A 502 -5.28 -1.18 21.04
CA GLU A 502 -4.69 0.04 20.49
C GLU A 502 -4.84 0.18 18.98
N THR A 503 -5.32 -0.88 18.30
CA THR A 503 -5.09 -1.01 16.86
C THR A 503 -5.89 0.02 16.06
N LEU A 504 -7.17 0.21 16.41
CA LEU A 504 -7.94 1.21 15.67
C LEU A 504 -7.42 2.60 15.92
N ALA A 505 -7.01 2.90 17.16
CA ALA A 505 -6.46 4.23 17.43
C ALA A 505 -5.23 4.49 16.58
N HIS A 506 -4.36 3.50 16.48
CA HIS A 506 -3.15 3.63 15.68
C HIS A 506 -3.47 4.00 14.24
N PHE A 507 -4.37 3.25 13.61
CA PHE A 507 -4.65 3.48 12.20
C PHE A 507 -5.52 4.70 11.98
N ARG A 508 -6.46 4.98 12.88
CA ARG A 508 -7.25 6.22 12.77
C ARG A 508 -6.38 7.46 12.93
N ALA A 509 -5.30 7.36 13.72
CA ALA A 509 -4.38 8.47 13.93
C ALA A 509 -3.43 8.65 12.74
N THR A 510 -3.39 7.68 11.82
CA THR A 510 -2.58 7.81 10.63
C THR A 510 -3.39 8.60 9.60
N PRO A 511 -2.82 9.62 8.96
CA PRO A 511 -3.59 10.33 7.93
C PRO A 511 -4.03 9.37 6.84
N ASN A 512 -5.21 9.63 6.29
CA ASN A 512 -5.67 8.96 5.05
C ASN A 512 -5.85 7.46 5.20
N ILE A 513 -6.41 7.00 6.33
CA ILE A 513 -6.87 5.62 6.44
C ILE A 513 -8.34 5.60 6.85
N SER A 514 -9.18 5.02 6.01
CA SER A 514 -10.58 4.77 6.34
CA SER A 514 -10.58 4.78 6.37
C SER A 514 -10.65 3.49 7.16
N VAL A 515 -11.17 3.58 8.38
CA VAL A 515 -11.20 2.47 9.32
C VAL A 515 -12.67 2.18 9.61
N TRP A 516 -13.24 1.26 8.84
CA TRP A 516 -14.65 0.92 8.95
C TRP A 516 -14.81 -0.16 10.01
N ARG A 517 -15.80 0.00 10.87
CA ARG A 517 -16.12 -0.99 11.89
C ARG A 517 -17.62 -1.20 11.82
N PRO A 518 -18.10 -1.92 10.81
CA PRO A 518 -19.54 -1.96 10.55
C PRO A 518 -20.26 -2.75 11.64
N ALA A 519 -21.48 -2.31 11.95
CA ALA A 519 -22.25 -2.95 13.01
C ALA A 519 -23.10 -4.10 12.52
N ASP A 520 -23.45 -4.14 11.24
CA ASP A 520 -24.47 -5.09 10.78
C ASP A 520 -24.35 -5.27 9.26
N GLY A 521 -25.33 -5.95 8.68
CA GLY A 521 -25.28 -6.24 7.25
C GLY A 521 -25.25 -5.01 6.37
N ASN A 522 -26.15 -4.05 6.62
CA ASN A 522 -26.17 -2.87 5.77
C ASN A 522 -24.89 -2.07 5.93
N GLU A 523 -24.38 -1.95 7.15
CA GLU A 523 -23.13 -1.20 7.32
C GLU A 523 -21.96 -1.90 6.64
N THR A 524 -21.94 -3.23 6.64
CA THR A 524 -20.85 -3.96 5.99
C THR A 524 -20.87 -3.73 4.49
N SER A 525 -22.08 -3.67 3.90
CA SER A 525 -22.15 -3.32 2.49
C SER A 525 -21.69 -1.91 2.22
N ALA A 526 -22.04 -0.96 3.07
CA ALA A 526 -21.51 0.40 2.90
C ALA A 526 -19.99 0.44 3.00
N ALA A 527 -19.41 -0.34 3.91
CA ALA A 527 -17.97 -0.36 4.06
C ALA A 527 -17.30 -0.85 2.79
N TYR A 528 -17.83 -1.92 2.19
CA TYR A 528 -17.29 -2.40 0.94
C TYR A 528 -17.54 -1.42 -0.21
N LYS A 529 -18.69 -0.76 -0.25
CA LYS A 529 -18.90 0.23 -1.28
C LYS A 529 -17.78 1.26 -1.25
N SER A 530 -17.48 1.75 -0.05
CA SER A 530 -16.40 2.72 0.11
C SER A 530 -15.05 2.14 -0.30
N ALA A 531 -14.77 0.91 0.14
CA ALA A 531 -13.45 0.33 -0.09
C ALA A 531 -13.20 0.10 -1.58
N ILE A 532 -14.22 -0.37 -2.30
CA ILE A 532 -14.07 -0.69 -3.73
C ILE A 532 -14.09 0.58 -4.58
N GLU A 533 -14.91 1.57 -4.20
CA GLU A 533 -14.95 2.83 -4.95
C GLU A 533 -13.72 3.69 -4.71
N SER A 534 -12.98 3.43 -3.64
CA SER A 534 -11.82 4.23 -3.32
C SER A 534 -10.83 4.27 -4.48
N THR A 535 -10.25 5.46 -4.68
CA THR A 535 -9.13 5.60 -5.60
C THR A 535 -7.88 6.13 -4.92
N HIS A 536 -7.99 6.72 -3.71
CA HIS A 536 -6.83 7.33 -3.09
C HIS A 536 -6.73 7.05 -1.60
N THR A 537 -7.58 6.17 -1.03
CA THR A 537 -7.58 6.01 0.42
C THR A 537 -7.63 4.53 0.79
N PRO A 538 -6.62 4.01 1.48
CA PRO A 538 -6.70 2.62 1.92
C PRO A 538 -7.78 2.46 2.99
N HIS A 539 -8.32 1.24 3.02
CA HIS A 539 -9.38 0.88 3.95
C HIS A 539 -8.95 -0.28 4.83
N ILE A 540 -9.34 -0.21 6.10
CA ILE A 540 -9.27 -1.33 7.02
C ILE A 540 -10.70 -1.61 7.47
N LEU A 541 -11.19 -2.83 7.26
CA LEU A 541 -12.54 -3.25 7.65
CA LEU A 541 -12.54 -3.23 7.67
C LEU A 541 -12.37 -4.11 8.90
N ALA A 542 -12.77 -3.57 10.04
CA ALA A 542 -12.68 -4.25 11.33
C ALA A 542 -13.97 -5.04 11.54
N LEU A 543 -13.84 -6.37 11.55
CA LEU A 543 -14.97 -7.28 11.45
C LEU A 543 -14.99 -8.23 12.63
N THR A 544 -16.16 -8.74 12.96
CA THR A 544 -16.33 -9.54 14.16
C THR A 544 -16.23 -11.04 13.89
N ARG A 545 -15.78 -11.76 14.92
CA ARG A 545 -15.98 -13.20 15.01
CA ARG A 545 -15.98 -13.20 14.99
C ARG A 545 -17.41 -13.54 15.40
N GLN A 546 -17.99 -12.76 16.32
CA GLN A 546 -19.26 -13.08 16.94
C GLN A 546 -20.44 -12.46 16.19
N ASN A 547 -21.61 -13.09 16.35
CA ASN A 547 -22.81 -12.64 15.66
C ASN A 547 -23.32 -11.32 16.21
N LEU A 548 -23.87 -10.48 15.33
CA LEU A 548 -24.50 -9.22 15.69
C LEU A 548 -25.86 -9.10 15.02
N PRO A 549 -26.82 -8.48 15.69
CA PRO A 549 -28.16 -8.34 15.08
C PRO A 549 -28.18 -7.33 13.95
N GLN A 550 -29.16 -7.49 13.04
CA GLN A 550 -29.46 -6.45 12.07
C GLN A 550 -30.16 -5.28 12.77
N LEU A 551 -29.70 -4.07 12.55
CA LEU A 551 -30.19 -2.92 13.29
C LEU A 551 -31.42 -2.29 12.68
N GLU A 552 -32.35 -1.90 13.53
CA GLU A 552 -33.43 -1.01 13.12
C GLU A 552 -32.83 0.37 12.83
N GLY A 553 -32.99 0.85 11.59
CA GLY A 553 -32.51 2.16 11.22
C GLY A 553 -31.26 2.19 10.37
N SER A 554 -30.60 1.05 10.15
CA SER A 554 -29.41 1.09 9.32
C SER A 554 -29.79 0.98 7.84
N SER A 555 -28.89 1.48 6.98
CA SER A 555 -29.04 1.36 5.54
C SER A 555 -27.67 1.61 4.95
N ILE A 556 -27.50 1.15 3.71
CA ILE A 556 -26.29 1.52 2.98
C ILE A 556 -26.20 3.03 2.82
N GLU A 557 -27.32 3.68 2.47
CA GLU A 557 -27.31 5.12 2.26
C GLU A 557 -26.81 5.86 3.50
N LYS A 558 -27.37 5.57 4.67
N LYS A 558 -27.36 5.57 4.68
CA LYS A 558 -26.97 6.31 5.86
CA LYS A 558 -26.95 6.34 5.85
C LYS A 558 -25.55 5.95 6.25
C LYS A 558 -25.55 5.97 6.28
N ALA A 559 -25.20 4.67 6.23
CA ALA A 559 -23.87 4.26 6.68
C ALA A 559 -22.78 4.79 5.76
N SER A 560 -23.11 5.06 4.49
N SER A 560 -23.11 5.06 4.49
CA SER A 560 -22.14 5.63 3.56
CA SER A 560 -22.15 5.64 3.55
C SER A 560 -21.72 7.04 3.91
C SER A 560 -21.65 7.00 4.00
N LYS A 561 -22.38 7.69 4.88
CA LYS A 561 -21.96 8.98 5.40
C LYS A 561 -20.90 8.84 6.49
N GLY A 562 -20.55 7.61 6.86
CA GLY A 562 -19.50 7.39 7.85
C GLY A 562 -19.99 7.44 9.29
N GLY A 563 -20.90 8.37 9.57
CA GLY A 563 -21.59 8.45 10.84
C GLY A 563 -23.00 8.90 10.58
N TYR A 564 -23.95 8.39 11.35
CA TYR A 564 -25.35 8.75 11.11
C TYR A 564 -26.15 8.53 12.39
N THR A 565 -27.29 9.20 12.46
CA THR A 565 -28.21 9.03 13.55
C THR A 565 -29.00 7.76 13.32
N LEU A 566 -28.76 6.77 14.17
CA LEU A 566 -29.46 5.50 14.10
C LEU A 566 -30.82 5.60 14.78
N VAL A 567 -30.83 6.10 16.01
CA VAL A 567 -32.05 6.34 16.77
C VAL A 567 -32.07 7.81 17.11
N GLN A 568 -33.04 8.54 16.53
CA GLN A 568 -33.25 9.96 16.80
C GLN A 568 -34.15 10.11 18.00
N GLN A 569 -33.74 10.97 18.93
CA GLN A 569 -34.54 11.28 20.12
C GLN A 569 -34.55 12.79 20.27
N ASP A 570 -35.67 13.43 19.90
CA ASP A 570 -35.75 14.89 19.96
C ASP A 570 -35.62 15.45 21.37
N LYS A 571 -35.92 14.66 22.38
CA LYS A 571 -35.72 15.25 23.71
C LYS A 571 -34.62 14.50 24.44
N ALA A 572 -33.52 14.24 23.76
CA ALA A 572 -32.50 13.38 24.35
C ALA A 572 -31.85 14.03 25.55
N ASP A 573 -31.70 13.23 26.60
CA ASP A 573 -30.84 13.57 27.72
C ASP A 573 -29.38 13.25 27.43
N ILE A 574 -29.14 12.34 26.49
CA ILE A 574 -27.79 11.91 26.14
C ILE A 574 -27.86 11.29 24.76
N ILE A 575 -26.76 11.37 24.02
CA ILE A 575 -26.57 10.61 22.79
C ILE A 575 -25.44 9.64 23.06
N ILE A 576 -25.64 8.37 22.69
CA ILE A 576 -24.57 7.37 22.74
C ILE A 576 -24.07 7.16 21.32
N VAL A 577 -22.77 7.39 21.10
CA VAL A 577 -22.14 7.15 19.81
C VAL A 577 -21.31 5.88 19.94
N ALA A 578 -21.45 4.98 18.96
CA ALA A 578 -20.81 3.68 19.06
C ALA A 578 -20.45 3.17 17.68
N THR A 579 -19.66 2.12 17.64
CA THR A 579 -19.27 1.46 16.40
C THR A 579 -19.46 -0.05 16.55
N GLY A 580 -19.57 -0.70 15.39
CA GLY A 580 -19.43 -2.14 15.33
C GLY A 580 -20.35 -2.86 16.32
N SER A 581 -19.77 -3.83 17.02
CA SER A 581 -20.50 -4.62 18.00
C SER A 581 -21.10 -3.79 19.12
N GLU A 582 -20.62 -2.58 19.37
CA GLU A 582 -21.14 -1.78 20.46
C GLU A 582 -22.38 -0.97 20.08
N VAL A 583 -22.76 -0.94 18.80
CA VAL A 583 -23.98 -0.21 18.45
C VAL A 583 -25.21 -0.94 19.00
N SER A 584 -25.27 -2.27 18.81
CA SER A 584 -26.36 -3.06 19.38
C SER A 584 -26.38 -2.93 20.90
N LEU A 585 -25.19 -2.89 21.51
CA LEU A 585 -25.09 -2.69 22.96
C LEU A 585 -25.70 -1.35 23.37
N ALA A 586 -25.40 -0.29 22.61
CA ALA A 586 -25.99 1.02 22.88
C ALA A 586 -27.51 1.01 22.76
N VAL A 587 -28.03 0.32 21.73
CA VAL A 587 -29.48 0.20 21.56
C VAL A 587 -30.10 -0.50 22.75
N ASP A 588 -29.46 -1.57 23.23
CA ASP A 588 -29.99 -2.24 24.42
C ASP A 588 -29.89 -1.35 25.65
N ALA A 589 -28.82 -0.57 25.77
CA ALA A 589 -28.69 0.36 26.88
C ALA A 589 -29.77 1.43 26.85
N LEU A 590 -30.15 1.88 25.66
CA LEU A 590 -31.22 2.86 25.54
C LEU A 590 -32.48 2.35 26.23
N LYS A 591 -32.79 1.08 26.07
CA LYS A 591 -33.97 0.53 26.72
C LYS A 591 -33.81 0.49 28.25
N VAL A 592 -32.63 0.12 28.76
CA VAL A 592 -32.41 0.17 30.21
C VAL A 592 -32.58 1.60 30.71
N LEU A 593 -32.04 2.56 29.97
CA LEU A 593 -32.12 3.96 30.37
C LEU A 593 -33.56 4.45 30.41
N GLU A 594 -34.39 4.01 29.46
CA GLU A 594 -35.79 4.40 29.48
C GLU A 594 -36.44 4.07 30.81
N GLY A 595 -36.12 2.89 31.36
CA GLY A 595 -36.68 2.48 32.64
C GLY A 595 -36.17 3.29 33.81
N GLN A 596 -35.04 3.98 33.62
CA GLN A 596 -34.49 4.91 34.59
C GLN A 596 -34.95 6.34 34.35
N GLY A 597 -35.86 6.55 33.40
CA GLY A 597 -36.33 7.89 33.07
C GLY A 597 -35.36 8.73 32.27
N ILE A 598 -34.43 8.12 31.55
CA ILE A 598 -33.44 8.82 30.75
C ILE A 598 -33.68 8.48 29.29
N LYS A 599 -33.80 9.52 28.44
CA LYS A 599 -34.03 9.35 27.01
C LYS A 599 -32.72 9.48 26.27
N ALA A 600 -32.35 8.46 25.51
CA ALA A 600 -31.11 8.48 24.77
C ALA A 600 -31.37 8.42 23.27
N GLY A 601 -30.48 9.04 22.50
CA GLY A 601 -30.36 8.75 21.08
C GLY A 601 -29.14 7.88 20.85
N VAL A 602 -29.07 7.28 19.66
CA VAL A 602 -27.91 6.48 19.26
C VAL A 602 -27.38 6.95 17.91
N VAL A 603 -26.06 7.14 17.86
CA VAL A 603 -25.34 7.40 16.63
C VAL A 603 -24.45 6.20 16.34
N SER A 604 -24.45 5.74 15.09
CA SER A 604 -23.49 4.75 14.63
C SER A 604 -22.43 5.44 13.79
N LEU A 605 -21.16 5.15 14.09
CA LEU A 605 -20.03 5.83 13.47
C LEU A 605 -19.11 4.82 12.78
N PRO A 606 -19.61 4.14 11.73
CA PRO A 606 -18.83 3.07 11.11
C PRO A 606 -17.49 3.50 10.53
N ASP A 607 -17.31 4.72 10.05
CA ASP A 607 -15.98 5.19 9.66
C ASP A 607 -15.80 6.65 10.05
N GLN A 608 -14.86 6.89 10.95
CA GLN A 608 -14.55 8.24 11.40
C GLN A 608 -14.02 9.12 10.27
N LEU A 609 -13.19 8.57 9.37
CA LEU A 609 -12.63 9.40 8.30
C LEU A 609 -13.73 9.87 7.36
N THR A 610 -14.58 8.94 6.90
CA THR A 610 -15.68 9.31 6.02
C THR A 610 -16.58 10.34 6.71
N PHE A 611 -16.88 10.12 7.99
CA PHE A 611 -17.69 11.08 8.72
C PHE A 611 -17.05 12.45 8.72
N ASP A 612 -15.75 12.50 9.03
CA ASP A 612 -15.05 13.79 9.12
C ASP A 612 -15.15 14.57 7.82
N LYS A 613 -15.20 13.87 6.69
CA LYS A 613 -15.26 14.50 5.38
C LYS A 613 -16.63 15.04 5.02
N GLN A 614 -17.67 14.73 5.80
CA GLN A 614 -19.00 15.28 5.51
C GLN A 614 -19.03 16.76 5.87
N SER A 615 -20.09 17.44 5.42
CA SER A 615 -20.23 18.86 5.68
C SER A 615 -20.36 19.11 7.19
N GLU A 616 -19.96 20.31 7.59
CA GLU A 616 -20.09 20.69 8.99
C GLU A 616 -21.53 20.59 9.45
N GLU A 617 -22.47 21.00 8.60
CA GLU A 617 -23.88 20.95 8.99
C GLU A 617 -24.36 19.51 9.14
N TYR A 618 -23.95 18.61 8.21
CA TYR A 618 -24.32 17.21 8.39
C TYR A 618 -23.77 16.67 9.70
N LYS A 619 -22.50 16.94 9.98
CA LYS A 619 -21.89 16.38 11.18
C LYS A 619 -22.59 16.88 12.43
N LEU A 620 -22.95 18.17 12.47
CA LEU A 620 -23.66 18.74 13.61
C LEU A 620 -25.07 18.17 13.74
N SER A 621 -25.69 17.73 12.63
CA SER A 621 -26.99 17.08 12.73
C SER A 621 -26.89 15.74 13.44
N VAL A 622 -25.71 15.11 13.39
CA VAL A 622 -25.45 13.84 14.04
C VAL A 622 -25.00 14.04 15.47
N LEU A 623 -24.13 15.02 15.71
CA LEU A 623 -23.55 15.31 17.03
C LEU A 623 -23.88 16.77 17.35
N PRO A 624 -25.11 17.06 17.75
CA PRO A 624 -25.52 18.46 17.95
C PRO A 624 -24.97 19.05 19.24
N ASP A 625 -25.08 20.37 19.35
CA ASP A 625 -24.86 21.09 20.60
C ASP A 625 -26.00 20.75 21.57
N GLY A 626 -25.75 21.02 22.87
CA GLY A 626 -26.83 21.02 23.86
C GLY A 626 -27.17 19.68 24.46
N VAL A 627 -26.35 18.65 24.23
CA VAL A 627 -26.65 17.33 24.78
C VAL A 627 -25.35 16.59 25.05
N PRO A 628 -25.19 16.01 26.22
CA PRO A 628 -23.98 15.20 26.46
C PRO A 628 -23.91 14.01 25.52
N ILE A 629 -22.69 13.66 25.12
CA ILE A 629 -22.48 12.54 24.22
C ILE A 629 -21.46 11.59 24.85
N LEU A 630 -21.81 10.31 24.92
CA LEU A 630 -20.98 9.24 25.45
C LEU A 630 -20.58 8.30 24.32
N SER A 631 -19.28 8.05 24.15
CA SER A 631 -18.86 7.02 23.20
C SER A 631 -18.75 5.66 23.87
N VAL A 632 -19.00 4.59 23.07
CA VAL A 632 -18.87 3.21 23.53
C VAL A 632 -18.21 2.40 22.41
N GLU A 633 -17.04 1.84 22.69
CA GLU A 633 -16.30 1.01 21.74
C GLU A 633 -15.32 0.21 22.60
N VAL A 634 -15.27 -1.11 22.44
CA VAL A 634 -14.54 -1.98 23.39
C VAL A 634 -13.04 -2.07 23.09
N MET A 635 -12.43 -0.90 22.94
CA MET A 635 -11.00 -0.76 22.68
CA MET A 635 -10.99 -0.78 22.75
C MET A 635 -10.60 0.64 23.15
N SER A 636 -9.39 1.07 22.77
CA SER A 636 -8.86 2.33 23.29
C SER A 636 -9.84 3.48 23.13
N THR A 637 -9.85 4.37 24.13
CA THR A 637 -10.62 5.60 24.02
C THR A 637 -9.91 6.69 23.22
N PHE A 638 -8.66 6.48 22.76
CA PHE A 638 -8.00 7.53 22.01
C PHE A 638 -8.79 7.90 20.75
N GLY A 639 -8.83 9.20 20.46
CA GLY A 639 -9.55 9.73 19.32
C GLY A 639 -11.00 10.06 19.62
N TRP A 640 -11.62 9.40 20.60
CA TRP A 640 -13.06 9.45 20.75
C TRP A 640 -13.57 10.80 21.23
N SER A 641 -12.72 11.60 21.89
CA SER A 641 -13.10 12.94 22.27
C SER A 641 -13.37 13.85 21.09
N LYS A 642 -13.02 13.47 19.86
CA LYS A 642 -13.45 14.22 18.69
C LYS A 642 -14.98 14.24 18.59
N TYR A 643 -15.63 13.21 19.13
CA TYR A 643 -17.03 12.93 18.87
C TYR A 643 -17.87 12.85 20.13
N SER A 644 -17.27 12.97 21.31
CA SER A 644 -17.96 12.69 22.55
C SER A 644 -17.38 13.52 23.66
N HIS A 645 -18.18 13.69 24.71
CA HIS A 645 -17.74 14.34 25.95
C HIS A 645 -17.13 13.36 26.94
N GLN A 646 -17.66 12.14 27.01
CA GLN A 646 -17.18 11.10 27.89
C GLN A 646 -17.02 9.85 27.03
N GLN A 647 -16.08 8.98 27.43
CA GLN A 647 -15.74 7.81 26.63
C GLN A 647 -15.72 6.56 27.49
N PHE A 648 -16.47 5.54 27.09
CA PHE A 648 -16.41 4.22 27.71
C PHE A 648 -15.70 3.31 26.73
N GLY A 649 -14.47 2.94 27.07
CA GLY A 649 -13.66 2.07 26.25
C GLY A 649 -12.92 1.06 27.10
N LEU A 650 -12.00 0.34 26.46
CA LEU A 650 -11.20 -0.68 27.10
C LEU A 650 -9.75 -0.28 26.87
N ASN A 651 -9.06 0.13 27.94
CA ASN A 651 -7.70 0.65 27.90
C ASN A 651 -6.70 -0.26 28.61
N ARG A 652 -7.05 -1.53 28.75
CA ARG A 652 -6.21 -2.56 29.32
C ARG A 652 -6.27 -3.76 28.37
N PHE A 653 -5.34 -4.69 28.52
CA PHE A 653 -5.37 -5.88 27.69
C PHE A 653 -6.57 -6.77 28.05
N GLY A 654 -6.86 -7.71 27.14
CA GLY A 654 -8.02 -8.58 27.28
C GLY A 654 -7.79 -9.78 28.16
N ALA A 655 -8.41 -10.90 27.78
CA ALA A 655 -8.44 -12.07 28.63
C ALA A 655 -8.79 -13.28 27.78
N SER A 656 -8.41 -14.46 28.22
CA SER A 656 -8.76 -15.70 27.56
C SER A 656 -9.97 -16.33 28.25
N GLY A 657 -11.11 -16.32 27.57
CA GLY A 657 -12.33 -16.90 28.08
C GLY A 657 -13.42 -16.77 27.04
N LYS A 658 -14.58 -17.33 27.34
CA LYS A 658 -15.73 -17.18 26.46
C LYS A 658 -16.08 -15.70 26.33
N ALA A 659 -16.29 -15.24 25.10
CA ALA A 659 -16.43 -13.80 24.87
C ALA A 659 -17.51 -13.13 25.72
N PRO A 660 -18.72 -13.67 25.87
CA PRO A 660 -19.72 -12.98 26.71
C PRO A 660 -19.24 -12.76 28.13
N GLU A 661 -18.45 -13.68 28.66
CA GLU A 661 -17.93 -13.51 30.01
C GLU A 661 -16.92 -12.39 30.09
N ILE A 662 -16.15 -12.17 29.01
CA ILE A 662 -15.20 -11.06 29.00
C ILE A 662 -15.94 -9.73 28.95
N PHE A 663 -16.97 -9.63 28.10
CA PHE A 663 -17.77 -8.41 28.06
C PHE A 663 -18.37 -8.12 29.44
N LYS A 664 -18.88 -9.16 30.12
CA LYS A 664 -19.44 -8.94 31.44
C LYS A 664 -18.38 -8.47 32.43
N LEU A 665 -17.19 -9.10 32.39
CA LEU A 665 -16.11 -8.73 33.29
C LEU A 665 -15.82 -7.23 33.20
N PHE A 666 -15.77 -6.71 31.98
CA PHE A 666 -15.42 -5.31 31.75
C PHE A 666 -16.63 -4.39 31.72
N GLU A 667 -17.81 -4.91 32.04
CA GLU A 667 -19.04 -4.12 32.19
C GLU A 667 -19.53 -3.53 30.87
N PHE A 668 -19.14 -4.15 29.75
CA PHE A 668 -19.71 -3.82 28.44
C PHE A 668 -21.00 -4.61 28.28
N THR A 669 -21.99 -4.19 29.03
CA THR A 669 -23.32 -4.79 29.12
C THR A 669 -24.32 -3.65 29.02
N PRO A 670 -25.59 -3.95 28.73
CA PRO A 670 -26.58 -2.87 28.70
C PRO A 670 -26.62 -2.07 29.99
N GLU A 671 -26.52 -2.77 31.13
CA GLU A 671 -26.55 -2.10 32.44
C GLU A 671 -25.29 -1.28 32.67
N GLY A 672 -24.12 -1.79 32.26
CA GLY A 672 -22.90 -1.05 32.47
C GLY A 672 -22.85 0.21 31.63
N VAL A 673 -23.33 0.12 30.38
CA VAL A 673 -23.42 1.32 29.55
C VAL A 673 -24.43 2.29 30.13
N ALA A 674 -25.59 1.79 30.56
CA ALA A 674 -26.61 2.66 31.12
C ALA A 674 -26.09 3.37 32.36
N GLU A 675 -25.33 2.66 33.21
CA GLU A 675 -24.81 3.29 34.42
C GLU A 675 -23.90 4.47 34.07
N ARG A 676 -23.03 4.28 33.09
CA ARG A 676 -22.11 5.34 32.69
C ARG A 676 -22.85 6.47 31.97
N ALA A 677 -23.89 6.14 31.21
CA ALA A 677 -24.73 7.17 30.60
C ALA A 677 -25.44 8.01 31.66
N ALA A 678 -25.98 7.36 32.69
CA ALA A 678 -26.64 8.11 33.75
C ALA A 678 -25.64 8.99 34.49
N LYS A 679 -24.44 8.48 34.75
CA LYS A 679 -23.41 9.29 35.38
C LYS A 679 -23.04 10.48 34.51
N THR A 680 -23.02 10.29 33.19
CA THR A 680 -22.72 11.36 32.26
C THR A 680 -23.80 12.44 32.31
N VAL A 681 -25.06 12.04 32.28
CA VAL A 681 -26.14 13.02 32.42
C VAL A 681 -25.99 13.82 33.71
N ALA A 682 -25.70 13.13 34.83
CA ALA A 682 -25.57 13.83 36.11
C ALA A 682 -24.37 14.78 36.10
N PHE A 683 -23.27 14.36 35.48
CA PHE A 683 -22.05 15.17 35.46
C PHE A 683 -22.26 16.50 34.75
N TYR A 684 -23.17 16.53 33.77
CA TYR A 684 -23.42 17.75 33.01
C TYR A 684 -24.65 18.51 33.49
N LYS A 685 -25.33 18.06 34.55
CA LYS A 685 -26.42 18.86 35.12
C LYS A 685 -25.93 20.25 35.50
N GLY A 686 -26.62 21.27 35.02
CA GLY A 686 -26.25 22.64 35.31
C GLY A 686 -25.14 23.20 34.46
N LYS A 687 -24.61 22.42 33.52
CA LYS A 687 -23.55 22.85 32.63
C LYS A 687 -24.10 23.12 31.24
N ASP A 688 -23.45 24.04 30.52
CA ASP A 688 -23.75 24.27 29.12
C ASP A 688 -22.85 23.38 28.30
N VAL A 689 -23.45 22.63 27.38
CA VAL A 689 -22.74 21.59 26.63
C VAL A 689 -22.79 21.97 25.15
N VAL A 690 -21.63 22.01 24.49
CA VAL A 690 -21.58 22.22 23.04
C VAL A 690 -21.02 20.97 22.38
N SER A 691 -21.31 20.84 21.09
CA SER A 691 -20.90 19.64 20.39
C SER A 691 -19.40 19.41 20.53
N PRO A 692 -18.95 18.16 20.67
CA PRO A 692 -17.52 17.86 20.57
C PRO A 692 -16.92 18.32 19.26
N LEU A 693 -17.74 18.53 18.22
CA LEU A 693 -17.23 19.00 16.95
C LEU A 693 -16.78 20.45 16.98
N ARG A 694 -17.19 21.23 17.98
CA ARG A 694 -16.74 22.61 18.06
C ARG A 694 -15.29 22.67 18.53
N SER A 695 -14.57 23.70 18.09
N SER A 695 -14.61 23.76 18.15
CA SER A 695 -13.23 23.90 18.59
CA SER A 695 -13.17 23.89 18.36
C SER A 695 -12.89 25.37 18.53
C SER A 695 -12.78 25.36 18.36
N ALA A 696 -11.77 25.70 19.17
CA ALA A 696 -11.33 27.09 19.25
C ALA A 696 -10.59 27.54 18.00
N PHE A 697 -10.04 26.60 17.24
CA PHE A 697 -9.26 26.91 16.06
C PHE A 697 -9.21 25.65 15.20
CA CA B . 24.93 -1.83 1.19
C1 PEG C . -0.79 -15.05 -20.54
O1 PEG C . 0.42 -15.68 -20.82
C2 PEG C . -1.91 -15.82 -21.22
O2 PEG C . -1.70 -15.74 -22.60
C3 PEG C . -2.72 -16.37 -23.35
C4 PEG C . -2.39 -16.33 -24.84
O4 PEG C . -1.15 -16.97 -25.01
C1 PEG D . -6.10 4.76 -21.30
O1 PEG D . -6.97 5.79 -20.92
C2 PEG D . -6.64 4.03 -22.52
O2 PEG D . -5.61 3.76 -23.43
C3 PEG D . -6.04 3.21 -24.64
C4 PEG D . -5.13 3.63 -25.79
O4 PEG D . -5.67 4.71 -26.50
C1 PEG E . 13.83 -24.54 -3.99
O1 PEG E . 13.95 -24.17 -5.33
C2 PEG E . 12.38 -24.40 -3.54
O2 PEG E . 11.42 -24.83 -4.47
C3 PEG E . 11.11 -26.19 -4.46
C4 PEG E . 9.83 -26.45 -5.25
O4 PEG E . 9.99 -26.10 -6.60
O2A T6F F . 20.64 -0.70 2.25
PA T6F F . 22.05 -0.36 2.54
O1A T6F F . 23.04 -1.42 2.39
O3A T6F F . 22.42 0.91 1.63
PB T6F F . 23.85 1.45 1.11
O3B T6F F . 24.39 0.46 0.16
O2B T6F F . 23.62 2.85 0.66
O1B T6F F . 24.78 1.52 2.38
O7 T6F F . 22.23 0.25 4.03
C7 T6F F . 21.80 1.54 4.40
C6 T6F F . 20.81 1.31 5.52
C5 T6F F . 19.93 2.47 5.91
S1 T6F F . 19.53 3.80 4.91
C2 T6F F . 18.49 4.53 6.09
CF2 T6F F . 18.15 5.92 6.04
OF2 T6F F . 17.06 6.27 6.89
CF1 T6F F . 17.90 6.47 4.65
OF1 T6F F . 16.71 5.88 4.16
CF3 T6F F . 19.44 6.71 6.67
OF3 T6F F . 20.46 6.78 5.71
CF4 T6F F . 19.18 8.16 7.19
OF4 T6F F . 18.96 9.02 6.09
CF5 T6F F . 20.38 8.65 8.01
OF5 T6F F . 20.66 7.72 9.03
CF6 T6F F . 20.07 10.01 8.62
OF6 T6F F . 21.26 10.48 9.24
PF T6F F . 21.28 11.68 10.29
OF8 T6F F . 22.08 12.78 9.72
OF7 T6F F . 21.91 11.10 11.54
OF9 T6F F . 19.85 12.09 10.53
N3 T6F F . 18.43 3.67 7.17
C4 T6F F . 19.23 2.53 7.08
CM4 T6F F . 19.27 1.49 8.18
C7, T6F F . 17.46 3.78 8.28
C5, T6F F . 16.21 2.83 8.06
C4, T6F F . 15.27 2.89 7.01
N4, T6F F . 15.38 3.81 5.99
N3, T6F F . 14.23 2.05 6.91
C2, T6F F . 14.03 1.20 7.89
CM2 T6F F . 12.82 0.31 7.86
N1, T6F F . 14.88 1.09 8.91
C6, T6F F . 15.95 1.88 9.01
#